data_7E5Y
#
_entry.id   7E5Y
#
_cell.length_a   150.760
_cell.length_b   152.600
_cell.length_c   177.490
_cell.angle_alpha   90.000
_cell.angle_beta   90.000
_cell.angle_gamma   90.000
#
_symmetry.space_group_name_H-M   'C 2 2 21'
#
loop_
_entity.id
_entity.type
_entity.pdbx_description
1 polymer 'Spike protein S1'
2 polymer '2B11 Fab Light chain'
3 polymer '2B11 Fab Heavy chain'
#
loop_
_entity_poly.entity_id
_entity_poly.type
_entity_poly.pdbx_seq_one_letter_code
_entity_poly.pdbx_strand_id
1 'polypeptide(L)'
;RVQPTESIVRFPNITNLCPFGEVFNATRFASVYAWNRKRISNCVADYSVLYNSASFSTFKCYGVSPTKLNDLCFTNVYAD
SFVIRGDEVRQIAPGQTGKIADYNYKLPDDFTGCVIAWNSNNLDSKVGGNYNYLYRLFRKSNLKPFERDISTEIYQAGST
PCNGVEGFNCYFPLQSYGFQPTNGVGYQPYRVVVLSFELLHAPATVCGPKKSTNLVKNKCVNF
;
R,A
2 'polypeptide(L)'
;LPVLTQPPSASGTPGQRVTISCSGSSSNVENDNVNWFQQQVPGSTPKLVIYNDRLRPSGVPDRFSGSKSGTSAYLAISGL
QSEDEADYYCVAWDASLQSYVFGTGTKVTVLRTVAAPSVFIFPPSDEQLKSGTASVVCLLNNFYPREAKVQWKVDNALQS
GNSQESVTEQDSKDSTYSLSSTLTLSKADYEKHKVYACEVTHQGLSSPVTKSFNRGEC
;
L,B
3 'polypeptide(L)'
;EVQLVESGGGLVQPGGSLRLSCAASEITVSSNYMNWVRQAPGKGLEWVSVIYSGGTTYYADSVKGRFTISRDNSENTLYL
QMNSLRAEDTAVYYCARDLMEVGGMDVWGQGTTVTVSSASTKGPSVFPLAPSSKSTSGGTAALGCLVKDYFPEPVTVSWN
SGALTSGVHTFPAVLQSSGLYSLSSVVTVPSSSLGTQTYICNVNHKPSNTKVDKKVEPKSC
;
H,C
#
# COMPACT_ATOMS: atom_id res chain seq x y z
N THR A 15 44.83 -44.64 -33.78
CA THR A 15 45.42 -44.03 -32.60
C THR A 15 44.70 -42.74 -32.22
N ASN A 16 43.55 -42.51 -32.85
CA ASN A 16 42.73 -41.35 -32.52
C ASN A 16 42.18 -41.48 -31.10
N LEU A 17 42.29 -40.41 -30.33
CA LEU A 17 41.72 -40.39 -28.99
C LEU A 17 40.29 -39.85 -29.03
N CYS A 18 39.47 -40.32 -28.11
CA CYS A 18 38.08 -39.89 -28.08
C CYS A 18 38.00 -38.41 -27.78
N PRO A 19 37.19 -37.66 -28.51
CA PRO A 19 36.95 -36.25 -28.18
C PRO A 19 35.92 -36.06 -27.07
N PHE A 20 36.07 -36.81 -25.96
CA PHE A 20 35.21 -36.55 -24.81
C PHE A 20 35.30 -35.09 -24.40
N GLY A 21 36.49 -34.52 -24.42
CA GLY A 21 36.63 -33.11 -24.05
C GLY A 21 35.74 -32.22 -24.87
N GLU A 22 35.54 -32.58 -26.14
CA GLU A 22 34.73 -31.74 -27.03
C GLU A 22 33.30 -31.62 -26.53
N VAL A 23 32.78 -32.69 -25.91
CA VAL A 23 31.44 -32.68 -25.37
C VAL A 23 31.43 -32.14 -23.95
N PHE A 24 32.40 -32.59 -23.14
CA PHE A 24 32.44 -32.25 -21.72
C PHE A 24 32.69 -30.76 -21.51
N ASN A 25 33.85 -30.28 -21.92
CA ASN A 25 34.19 -28.86 -21.77
C ASN A 25 33.57 -28.00 -22.87
N ALA A 26 32.37 -28.37 -23.31
CA ALA A 26 31.68 -27.60 -24.34
C ALA A 26 31.37 -26.20 -23.82
N THR A 27 31.68 -25.20 -24.64
CA THR A 27 31.30 -23.83 -24.31
C THR A 27 29.80 -23.73 -24.05
N ARG A 28 28.99 -24.38 -24.89
CA ARG A 28 27.54 -24.23 -24.86
C ARG A 28 26.89 -25.62 -24.91
N PHE A 29 26.40 -26.10 -23.75
CA PHE A 29 25.41 -27.16 -23.65
C PHE A 29 24.04 -26.89 -24.24
N ALA A 30 23.03 -27.52 -23.67
CA ALA A 30 21.71 -27.60 -24.26
C ALA A 30 20.69 -27.83 -23.15
N SER A 31 19.48 -27.33 -23.38
CA SER A 31 18.38 -27.56 -22.47
C SER A 31 18.08 -29.05 -22.36
N VAL A 32 17.47 -29.43 -21.24
CA VAL A 32 17.18 -30.85 -21.02
C VAL A 32 16.23 -31.39 -22.08
N TYR A 33 15.35 -30.55 -22.63
CA TYR A 33 14.34 -31.13 -23.51
C TYR A 33 14.98 -31.59 -24.81
N ALA A 34 16.24 -31.23 -25.04
CA ALA A 34 16.97 -31.53 -26.26
C ALA A 34 18.33 -32.11 -25.88
N TRP A 35 18.31 -33.32 -25.31
CA TRP A 35 19.56 -33.96 -24.92
C TRP A 35 20.42 -34.24 -26.14
N ASN A 36 21.49 -33.46 -26.31
CA ASN A 36 22.40 -33.65 -27.44
C ASN A 36 23.18 -34.94 -27.27
N ARG A 37 23.33 -35.68 -28.37
CA ARG A 37 24.01 -36.96 -28.35
C ARG A 37 25.11 -36.98 -29.39
N LYS A 38 26.33 -37.28 -28.95
CA LYS A 38 27.49 -37.44 -29.81
C LYS A 38 27.94 -38.90 -29.79
N ARG A 39 28.07 -39.50 -30.97
CA ARG A 39 28.54 -40.88 -31.07
C ARG A 39 30.05 -40.90 -30.85
N ILE A 40 30.46 -41.16 -29.62
CA ILE A 40 31.88 -41.41 -29.38
C ILE A 40 32.23 -42.76 -30.00
N SER A 41 33.07 -42.73 -31.04
CA SER A 41 33.32 -43.93 -31.83
C SER A 41 34.74 -43.90 -32.38
N ASN A 42 35.31 -45.10 -32.56
CA ASN A 42 36.62 -45.32 -33.15
C ASN A 42 37.69 -44.45 -32.48
N CYS A 43 37.95 -44.73 -31.21
CA CYS A 43 38.88 -43.84 -30.52
C CYS A 43 39.47 -44.54 -29.30
N VAL A 44 40.26 -43.79 -28.53
CA VAL A 44 40.95 -44.27 -27.35
C VAL A 44 40.40 -43.51 -26.14
N ALA A 45 39.95 -44.25 -25.14
CA ALA A 45 39.34 -43.67 -23.95
C ALA A 45 39.92 -44.33 -22.71
N ASP A 46 40.90 -43.67 -22.09
CA ASP A 46 41.27 -44.04 -20.72
C ASP A 46 40.18 -43.48 -19.82
N TYR A 47 39.07 -44.23 -19.76
CA TYR A 47 37.91 -43.80 -18.99
C TYR A 47 38.28 -43.38 -17.57
N SER A 48 39.34 -43.98 -17.02
CA SER A 48 39.77 -43.64 -15.67
C SER A 48 40.17 -42.18 -15.57
N VAL A 49 40.83 -41.62 -16.59
CA VAL A 49 41.26 -40.22 -16.50
C VAL A 49 40.07 -39.28 -16.47
N LEU A 50 38.91 -39.69 -16.99
CA LEU A 50 37.71 -38.88 -16.83
C LEU A 50 37.31 -38.78 -15.36
N TYR A 51 37.26 -39.92 -14.66
CA TYR A 51 37.01 -39.85 -13.23
C TYR A 51 38.25 -39.38 -12.48
N ASN A 52 39.44 -39.65 -13.01
CA ASN A 52 40.63 -39.04 -12.45
C ASN A 52 40.56 -37.53 -12.55
N SER A 53 39.84 -37.02 -13.55
CA SER A 53 39.36 -35.64 -13.51
C SER A 53 38.22 -35.57 -12.50
N ALA A 54 38.53 -35.86 -11.23
CA ALA A 54 37.52 -35.94 -10.18
C ALA A 54 37.04 -34.56 -9.76
N SER A 55 37.02 -33.64 -10.71
CA SER A 55 36.38 -32.35 -10.55
C SER A 55 34.89 -32.48 -10.85
N PHE A 56 34.32 -33.62 -10.51
CA PHE A 56 32.94 -33.97 -10.82
C PHE A 56 32.16 -34.26 -9.54
N SER A 57 30.95 -33.72 -9.47
CA SER A 57 30.10 -33.98 -8.32
C SER A 57 29.55 -35.40 -8.33
N THR A 58 28.91 -35.80 -9.44
CA THR A 58 28.31 -37.10 -9.55
C THR A 58 28.97 -37.82 -10.72
N PHE A 59 29.74 -38.85 -10.37
CA PHE A 59 30.16 -39.94 -11.32
C PHE A 59 30.17 -41.34 -10.78
N LYS A 60 28.95 -41.88 -10.98
CA LYS A 60 28.42 -43.18 -10.62
C LYS A 60 28.15 -43.95 -11.90
N CYS A 61 28.81 -45.08 -12.03
CA CYS A 61 28.76 -45.93 -13.21
C CYS A 61 27.94 -47.16 -12.83
N TYR A 62 26.69 -47.20 -13.29
CA TYR A 62 25.78 -48.28 -12.92
C TYR A 62 26.28 -49.62 -13.44
N GLY A 63 26.87 -49.63 -14.63
CA GLY A 63 27.49 -50.82 -15.15
C GLY A 63 28.68 -51.26 -14.33
N VAL A 64 29.87 -50.74 -14.67
CA VAL A 64 31.12 -51.14 -14.03
C VAL A 64 31.99 -49.90 -13.96
N SER A 65 33.00 -49.92 -13.08
CA SER A 65 33.87 -48.76 -12.90
C SER A 65 34.58 -48.42 -14.20
N PRO A 66 34.96 -47.15 -14.39
CA PRO A 66 35.66 -46.77 -15.64
C PRO A 66 36.94 -47.55 -15.86
N THR A 67 37.72 -47.76 -14.80
CA THR A 67 38.98 -48.49 -14.91
C THR A 67 38.77 -49.86 -15.51
N LYS A 68 37.77 -50.60 -15.01
CA LYS A 68 37.52 -51.94 -15.53
C LYS A 68 37.09 -51.91 -16.99
N LEU A 69 36.26 -50.95 -17.37
CA LEU A 69 35.80 -50.87 -18.75
C LEU A 69 36.74 -50.06 -19.63
N ASN A 70 37.66 -49.29 -19.02
CA ASN A 70 38.83 -48.84 -19.76
C ASN A 70 39.49 -50.02 -20.44
N ASP A 71 39.47 -51.17 -19.76
CA ASP A 71 40.01 -52.43 -20.22
C ASP A 71 39.07 -53.13 -21.20
N LEU A 72 38.16 -52.40 -21.85
CA LEU A 72 37.03 -53.01 -22.52
C LEU A 72 36.69 -52.21 -23.78
N CYS A 73 35.88 -52.84 -24.63
CA CYS A 73 35.47 -52.24 -25.90
C CYS A 73 33.99 -52.49 -26.11
N PHE A 74 33.36 -51.61 -26.89
CA PHE A 74 31.95 -51.70 -27.20
C PHE A 74 31.76 -51.50 -28.70
N THR A 75 30.52 -51.68 -29.17
CA THR A 75 30.23 -51.33 -30.55
C THR A 75 30.40 -49.82 -30.75
N ASN A 76 29.61 -49.03 -30.02
CA ASN A 76 29.72 -47.57 -30.02
C ASN A 76 29.51 -47.06 -28.60
N VAL A 77 29.84 -45.79 -28.38
CA VAL A 77 29.62 -45.10 -27.11
C VAL A 77 28.82 -43.84 -27.38
N TYR A 78 27.78 -43.62 -26.57
CA TYR A 78 26.84 -42.52 -26.78
C TYR A 78 26.97 -41.51 -25.65
N ALA A 79 27.20 -40.25 -25.99
CA ALA A 79 27.43 -39.17 -25.03
C ALA A 79 26.23 -38.23 -25.02
N ASP A 80 25.46 -38.27 -23.93
CA ASP A 80 24.22 -37.49 -23.80
C ASP A 80 24.48 -36.30 -22.90
N SER A 81 24.41 -35.10 -23.47
CA SER A 81 24.75 -33.86 -22.76
C SER A 81 23.53 -32.98 -22.62
N PHE A 82 23.29 -32.49 -21.40
CA PHE A 82 22.19 -31.58 -21.13
C PHE A 82 22.45 -30.88 -19.80
N VAL A 83 21.52 -29.98 -19.43
CA VAL A 83 21.62 -29.18 -18.22
C VAL A 83 20.31 -29.30 -17.46
N ILE A 84 20.41 -29.59 -16.16
CA ILE A 84 19.25 -29.67 -15.29
C ILE A 84 19.53 -28.88 -14.02
N ARG A 85 18.58 -28.91 -13.11
CA ARG A 85 18.68 -28.23 -11.84
C ARG A 85 19.19 -29.22 -10.79
N GLY A 86 19.85 -28.68 -9.76
CA GLY A 86 20.60 -29.51 -8.84
C GLY A 86 19.73 -30.54 -8.12
N ASP A 87 18.55 -30.12 -7.65
CA ASP A 87 17.63 -31.04 -7.00
C ASP A 87 17.35 -32.26 -7.85
N GLU A 88 17.41 -32.10 -9.16
CA GLU A 88 16.95 -33.09 -10.12
C GLU A 88 18.06 -33.98 -10.66
N VAL A 89 19.29 -33.82 -10.16
CA VAL A 89 20.36 -34.75 -10.53
C VAL A 89 19.97 -36.17 -10.15
N ARG A 90 19.26 -36.33 -9.04
CA ARG A 90 18.77 -37.64 -8.64
C ARG A 90 17.91 -38.27 -9.74
N GLN A 91 17.17 -37.46 -10.49
CA GLN A 91 16.24 -38.00 -11.49
C GLN A 91 16.96 -38.55 -12.72
N ILE A 92 18.21 -38.15 -12.96
CA ILE A 92 19.00 -38.75 -14.03
C ILE A 92 19.61 -40.04 -13.51
N ALA A 93 18.75 -40.99 -13.16
CA ALA A 93 19.18 -42.26 -12.58
C ALA A 93 18.15 -43.31 -12.94
N PRO A 94 18.54 -44.59 -12.99
CA PRO A 94 17.55 -45.64 -13.24
C PRO A 94 16.46 -45.64 -12.17
N GLY A 95 15.25 -45.96 -12.61
CA GLY A 95 14.10 -46.04 -11.72
C GLY A 95 13.88 -44.80 -10.89
N GLN A 96 13.97 -43.63 -11.51
CA GLN A 96 13.70 -42.38 -10.81
C GLN A 96 12.49 -41.69 -11.40
N THR A 97 11.63 -41.22 -10.52
CA THR A 97 10.37 -40.57 -10.83
C THR A 97 10.50 -39.05 -10.66
N GLY A 98 10.16 -38.31 -11.71
CA GLY A 98 10.23 -36.87 -11.64
C GLY A 98 9.94 -36.24 -12.98
N LYS A 99 9.65 -34.93 -12.94
CA LYS A 99 9.32 -34.19 -14.16
C LYS A 99 10.40 -34.34 -15.22
N ILE A 100 11.67 -34.19 -14.82
CA ILE A 100 12.77 -34.38 -15.75
C ILE A 100 12.85 -35.83 -16.21
N ALA A 101 12.72 -36.76 -15.27
CA ALA A 101 12.76 -38.18 -15.62
C ALA A 101 11.60 -38.56 -16.53
N ASP A 102 10.38 -38.23 -16.11
CA ASP A 102 9.19 -38.68 -16.84
C ASP A 102 9.02 -37.92 -18.15
N TYR A 103 9.08 -36.59 -18.11
CA TYR A 103 8.73 -35.77 -19.26
C TYR A 103 9.93 -35.06 -19.91
N ASN A 104 11.15 -35.53 -19.68
CA ASN A 104 12.28 -34.88 -20.33
C ASN A 104 13.37 -35.87 -20.76
N TYR A 105 13.97 -36.59 -19.80
CA TYR A 105 15.00 -37.56 -20.12
C TYR A 105 14.87 -38.74 -19.17
N LYS A 106 14.72 -39.94 -19.71
CA LYS A 106 14.47 -41.14 -18.93
C LYS A 106 15.54 -42.17 -19.24
N LEU A 107 16.08 -42.78 -18.19
CA LEU A 107 17.09 -43.82 -18.32
C LEU A 107 16.44 -45.18 -18.24
N PRO A 108 16.86 -46.16 -19.04
CA PRO A 108 16.24 -47.49 -18.95
C PRO A 108 16.41 -48.06 -17.54
N ASP A 109 15.47 -48.90 -17.14
CA ASP A 109 15.65 -49.43 -15.78
C ASP A 109 16.79 -50.44 -15.67
N ASP A 110 17.61 -50.58 -16.72
CA ASP A 110 18.59 -51.66 -16.84
C ASP A 110 19.91 -51.12 -17.36
N PHE A 111 20.28 -49.92 -16.93
CA PHE A 111 21.33 -49.16 -17.61
C PHE A 111 22.70 -49.63 -17.15
N THR A 112 23.66 -49.59 -18.06
CA THR A 112 25.02 -50.09 -17.84
C THR A 112 26.04 -49.03 -18.21
N GLY A 113 25.75 -47.77 -17.92
CA GLY A 113 26.65 -46.70 -18.24
C GLY A 113 26.92 -45.78 -17.07
N CYS A 114 27.49 -44.61 -17.35
CA CYS A 114 27.93 -43.68 -16.33
C CYS A 114 27.18 -42.36 -16.47
N VAL A 115 26.66 -41.86 -15.36
CA VAL A 115 26.04 -40.54 -15.29
C VAL A 115 27.03 -39.60 -14.64
N ILE A 116 27.40 -38.53 -15.34
CA ILE A 116 28.43 -37.61 -14.91
C ILE A 116 27.82 -36.22 -14.81
N ALA A 117 28.16 -35.49 -13.74
CA ALA A 117 27.55 -34.20 -13.49
C ALA A 117 28.52 -33.28 -12.75
N TRP A 118 28.39 -31.98 -13.01
CA TRP A 118 29.17 -30.96 -12.32
C TRP A 118 28.35 -29.69 -12.25
N ASN A 119 28.61 -28.88 -11.23
CA ASN A 119 27.91 -27.62 -11.07
C ASN A 119 28.42 -26.60 -12.08
N SER A 120 27.50 -25.75 -12.53
CA SER A 120 27.83 -24.73 -13.53
C SER A 120 27.20 -23.39 -13.17
N ASN A 121 26.99 -23.14 -11.87
CA ASN A 121 26.43 -21.86 -11.43
C ASN A 121 27.27 -20.70 -11.91
N ASN A 122 28.59 -20.88 -11.95
CA ASN A 122 29.47 -19.89 -12.56
C ASN A 122 29.11 -19.66 -14.04
N LEU A 123 29.20 -20.70 -14.86
CA LEU A 123 29.10 -20.48 -16.31
C LEU A 123 27.68 -20.15 -16.77
N ASP A 124 26.66 -20.88 -16.31
CA ASP A 124 25.31 -20.72 -16.85
C ASP A 124 24.32 -20.05 -15.90
N SER A 125 24.78 -19.08 -15.09
CA SER A 125 23.86 -18.23 -14.34
C SER A 125 24.22 -16.77 -14.60
N LYS A 126 23.19 -15.98 -14.87
CA LYS A 126 23.28 -14.54 -14.94
C LYS A 126 22.12 -13.88 -14.21
N VAL A 127 22.50 -12.80 -13.53
CA VAL A 127 21.67 -11.85 -12.81
C VAL A 127 20.43 -11.41 -13.58
N GLY A 128 19.27 -11.65 -12.98
CA GLY A 128 18.02 -11.51 -13.69
C GLY A 128 17.57 -12.87 -14.17
N GLY A 129 18.52 -13.66 -14.67
CA GLY A 129 18.25 -15.03 -15.00
C GLY A 129 18.64 -15.43 -16.41
N ASN A 130 19.48 -16.45 -16.55
CA ASN A 130 19.64 -17.10 -17.86
C ASN A 130 18.39 -17.94 -18.09
N TYR A 131 17.34 -17.27 -18.56
CA TYR A 131 16.08 -17.92 -18.87
C TYR A 131 16.15 -18.69 -20.18
N ASN A 132 17.35 -18.97 -20.67
CA ASN A 132 17.58 -19.63 -21.96
C ASN A 132 17.69 -21.14 -21.84
N TYR A 133 17.51 -21.69 -20.64
CA TYR A 133 17.40 -23.13 -20.44
C TYR A 133 15.97 -23.51 -20.07
N LEU A 134 15.50 -24.60 -20.69
CA LEU A 134 14.09 -24.94 -20.80
C LEU A 134 13.84 -26.33 -20.22
N TYR A 135 12.69 -26.48 -19.58
CA TYR A 135 12.30 -27.75 -18.98
C TYR A 135 10.84 -28.03 -19.31
N ARG A 136 10.56 -29.22 -19.83
CA ARG A 136 9.22 -29.58 -20.27
C ARG A 136 8.33 -29.87 -19.08
N LEU A 137 7.23 -29.11 -18.96
CA LEU A 137 6.33 -29.25 -17.83
C LEU A 137 5.07 -30.06 -18.16
N PHE A 138 4.76 -30.24 -19.44
CA PHE A 138 3.51 -30.87 -19.85
C PHE A 138 3.79 -31.83 -20.99
N ARG A 139 3.46 -33.10 -20.78
CA ARG A 139 3.47 -34.13 -21.80
C ARG A 139 2.52 -35.21 -21.31
N LYS A 140 1.62 -35.70 -22.17
CA LYS A 140 0.45 -36.38 -21.64
C LYS A 140 0.79 -37.77 -21.13
N SER A 141 2.05 -38.18 -21.25
CA SER A 141 2.46 -39.58 -21.15
C SER A 141 3.97 -39.67 -20.90
N ASN A 142 4.39 -40.56 -20.01
CA ASN A 142 5.80 -40.60 -19.63
C ASN A 142 6.67 -40.99 -20.82
N LEU A 143 7.85 -40.38 -20.91
CA LEU A 143 8.75 -40.66 -22.02
C LEU A 143 9.34 -42.07 -21.89
N LYS A 144 9.54 -42.70 -23.04
CA LYS A 144 10.16 -44.01 -23.06
C LYS A 144 11.68 -43.84 -22.90
N PRO A 145 12.39 -44.90 -22.51
CA PRO A 145 13.85 -44.77 -22.33
C PRO A 145 14.52 -44.21 -23.58
N PHE A 146 15.41 -43.23 -23.38
CA PHE A 146 16.20 -42.65 -24.46
C PHE A 146 15.29 -42.15 -25.59
N GLU A 147 14.37 -41.23 -25.22
CA GLU A 147 13.48 -40.59 -26.18
C GLU A 147 13.49 -39.07 -26.05
N ARG A 148 13.38 -38.39 -27.20
CA ARG A 148 13.49 -36.94 -27.28
C ARG A 148 12.23 -36.33 -27.89
N ASP A 149 11.68 -35.33 -27.22
CA ASP A 149 10.54 -34.57 -27.73
C ASP A 149 10.90 -33.09 -27.81
N ILE A 150 10.97 -32.58 -29.05
CA ILE A 150 11.21 -31.17 -29.32
C ILE A 150 9.92 -30.41 -29.62
N SER A 151 8.77 -31.07 -29.51
CA SER A 151 7.53 -30.49 -29.98
C SER A 151 7.19 -29.21 -29.20
N THR A 152 6.78 -28.18 -29.92
CA THR A 152 6.36 -26.93 -29.32
C THR A 152 4.85 -26.73 -29.35
N GLU A 153 4.08 -27.74 -29.76
CA GLU A 153 2.64 -27.55 -29.86
C GLU A 153 2.03 -27.25 -28.49
N ILE A 154 0.98 -26.43 -28.51
CA ILE A 154 0.36 -25.99 -27.28
C ILE A 154 -0.40 -27.15 -26.65
N TYR A 155 -0.28 -27.24 -25.33
CA TYR A 155 -0.79 -28.37 -24.57
C TYR A 155 -2.28 -28.20 -24.30
N GLN A 156 -3.05 -29.28 -24.48
CA GLN A 156 -4.49 -29.26 -24.25
C GLN A 156 -4.80 -29.91 -22.90
N ALA A 157 -5.10 -29.09 -21.91
CA ALA A 157 -5.59 -29.58 -20.63
C ALA A 157 -7.12 -29.53 -20.55
N GLY A 158 -7.80 -29.62 -21.70
CA GLY A 158 -9.24 -29.45 -21.69
C GLY A 158 -9.92 -30.04 -22.90
N SER A 159 -11.26 -30.09 -22.79
CA SER A 159 -12.09 -30.56 -23.89
C SER A 159 -11.86 -29.73 -25.14
N THR A 160 -12.11 -28.43 -25.05
CA THR A 160 -11.80 -27.42 -26.05
C THR A 160 -10.43 -27.62 -26.70
N PRO A 161 -10.37 -27.72 -28.03
CA PRO A 161 -9.07 -27.69 -28.71
C PRO A 161 -8.54 -26.28 -28.79
N CYS A 162 -7.22 -26.15 -28.58
CA CYS A 162 -6.61 -24.84 -28.53
C CYS A 162 -6.61 -24.17 -29.90
N ASN A 163 -6.32 -24.94 -30.95
CA ASN A 163 -6.13 -24.43 -32.30
C ASN A 163 -5.00 -23.41 -32.39
N GLY A 164 -4.04 -23.46 -31.46
CA GLY A 164 -2.82 -22.70 -31.57
C GLY A 164 -2.77 -21.36 -30.86
N VAL A 165 -3.75 -21.03 -30.03
CA VAL A 165 -3.72 -19.83 -29.22
C VAL A 165 -3.44 -20.23 -27.78
N GLU A 166 -2.45 -19.59 -27.15
CA GLU A 166 -2.27 -19.83 -25.73
C GLU A 166 -3.42 -19.24 -24.95
N GLY A 167 -3.85 -19.96 -23.92
CA GLY A 167 -4.92 -19.46 -23.09
C GLY A 167 -5.24 -20.43 -21.99
N PHE A 168 -6.42 -20.24 -21.40
CA PHE A 168 -6.86 -21.13 -20.33
C PHE A 168 -7.05 -22.54 -20.86
N ASN A 169 -6.65 -23.53 -20.05
CA ASN A 169 -6.68 -24.95 -20.42
C ASN A 169 -5.91 -25.20 -21.72
N CYS A 170 -5.05 -24.26 -22.10
CA CYS A 170 -4.30 -24.28 -23.36
C CYS A 170 -2.97 -23.56 -23.13
N TYR A 171 -2.12 -24.18 -22.31
CA TYR A 171 -0.85 -23.62 -21.91
C TYR A 171 0.29 -24.16 -22.77
N PHE A 172 1.39 -23.42 -22.78
CA PHE A 172 2.56 -23.76 -23.57
C PHE A 172 3.39 -24.84 -22.85
N PRO A 173 3.86 -25.85 -23.57
CA PRO A 173 4.55 -26.97 -22.91
C PRO A 173 5.85 -26.56 -22.23
N LEU A 174 6.88 -26.31 -23.04
CA LEU A 174 8.21 -26.01 -22.52
C LEU A 174 8.19 -24.74 -21.69
N GLN A 175 8.68 -24.83 -20.46
CA GLN A 175 8.90 -23.68 -19.60
C GLN A 175 10.39 -23.59 -19.30
N SER A 176 10.81 -22.51 -18.65
CA SER A 176 12.23 -22.20 -18.51
C SER A 176 12.66 -22.15 -17.06
N TYR A 177 13.83 -22.71 -16.78
CA TYR A 177 14.47 -22.57 -15.48
C TYR A 177 14.84 -21.11 -15.24
N GLY A 178 14.70 -20.66 -14.00
CA GLY A 178 15.17 -19.33 -13.63
C GLY A 178 16.52 -19.38 -12.95
N PHE A 179 17.60 -19.29 -13.72
CA PHE A 179 18.95 -19.49 -13.19
C PHE A 179 19.56 -18.14 -12.81
N GLN A 180 19.45 -17.79 -11.54
CA GLN A 180 20.01 -16.60 -10.93
C GLN A 180 21.08 -17.00 -9.92
N PRO A 181 22.23 -16.31 -9.89
CA PRO A 181 23.32 -16.74 -8.99
C PRO A 181 22.93 -16.74 -7.52
N THR A 182 22.16 -15.74 -7.09
CA THR A 182 21.66 -15.66 -5.72
C THR A 182 20.77 -16.82 -5.33
N ASN A 183 20.42 -17.71 -6.26
CA ASN A 183 19.53 -18.81 -5.94
C ASN A 183 20.25 -19.86 -5.09
N GLY A 184 19.45 -20.72 -4.48
CA GLY A 184 19.98 -21.79 -3.66
C GLY A 184 20.78 -22.79 -4.47
N VAL A 185 21.40 -23.70 -3.74
CA VAL A 185 22.38 -24.61 -4.33
C VAL A 185 21.67 -25.65 -5.18
N GLY A 186 20.65 -26.29 -4.62
CA GLY A 186 19.87 -27.25 -5.37
C GLY A 186 19.13 -26.64 -6.54
N TYR A 187 19.01 -25.32 -6.57
CA TYR A 187 18.34 -24.61 -7.66
C TYR A 187 19.35 -23.91 -8.56
N GLN A 188 20.50 -24.55 -8.79
CA GLN A 188 21.61 -23.97 -9.52
C GLN A 188 21.94 -24.83 -10.73
N PRO A 189 22.54 -24.25 -11.78
CA PRO A 189 22.83 -25.01 -12.99
C PRO A 189 23.79 -26.16 -12.72
N TYR A 190 23.43 -27.34 -13.22
CA TYR A 190 24.31 -28.51 -13.19
C TYR A 190 24.34 -29.11 -14.58
N ARG A 191 25.53 -29.21 -15.15
CA ARG A 191 25.73 -29.77 -16.48
C ARG A 191 25.97 -31.28 -16.35
N VAL A 192 25.14 -32.07 -17.02
CA VAL A 192 25.15 -33.52 -16.87
C VAL A 192 25.48 -34.17 -18.21
N VAL A 193 26.43 -35.10 -18.20
CA VAL A 193 26.75 -35.91 -19.36
C VAL A 193 26.51 -37.37 -18.99
N VAL A 194 25.65 -38.03 -19.74
CA VAL A 194 25.36 -39.44 -19.56
C VAL A 194 26.14 -40.21 -20.63
N LEU A 195 27.07 -41.07 -20.19
CA LEU A 195 27.77 -41.94 -21.12
C LEU A 195 27.02 -43.26 -21.24
N SER A 196 26.55 -43.54 -22.45
CA SER A 196 25.92 -44.81 -22.80
C SER A 196 26.93 -45.69 -23.50
N PHE A 197 26.86 -47.00 -23.22
CA PHE A 197 27.80 -47.96 -23.79
C PHE A 197 27.00 -49.07 -24.47
N GLU A 198 27.11 -49.17 -25.78
CA GLU A 198 26.49 -50.26 -26.52
C GLU A 198 27.54 -51.07 -27.27
N ALA A 204 34.02 -52.92 -31.64
CA ALA A 204 34.85 -52.68 -32.82
C ALA A 204 35.39 -51.26 -32.82
N THR A 205 34.60 -50.34 -32.27
CA THR A 205 34.99 -48.94 -32.15
C THR A 205 35.15 -48.58 -30.68
N VAL A 206 36.11 -47.69 -30.40
CA VAL A 206 36.43 -47.24 -29.05
C VAL A 206 37.04 -48.38 -28.22
N CYS A 207 38.25 -48.16 -27.72
CA CYS A 207 38.88 -49.09 -26.79
C CYS A 207 39.74 -48.28 -25.83
N GLY A 208 40.37 -48.97 -24.89
CA GLY A 208 41.25 -48.33 -23.93
C GLY A 208 42.28 -49.27 -23.34
N PRO B 2 4.85 -31.02 9.36
CA PRO B 2 5.56 -30.01 8.57
C PRO B 2 4.63 -28.89 8.10
N VAL B 3 4.98 -27.64 8.43
CA VAL B 3 4.14 -26.50 8.13
C VAL B 3 5.04 -25.33 7.77
N LEU B 4 4.43 -24.32 7.14
CA LEU B 4 5.08 -23.04 6.92
C LEU B 4 4.56 -22.07 7.98
N THR B 5 5.47 -21.38 8.66
CA THR B 5 5.04 -20.49 9.73
C THR B 5 4.50 -19.19 9.19
N GLN B 6 3.39 -18.75 9.77
CA GLN B 6 2.50 -17.71 9.28
C GLN B 6 1.74 -17.26 10.51
N PRO B 7 1.51 -15.96 10.71
CA PRO B 7 0.97 -15.50 11.99
C PRO B 7 -0.48 -15.92 12.14
N PRO B 8 -0.99 -15.99 13.36
CA PRO B 8 -2.40 -16.37 13.54
C PRO B 8 -3.38 -15.26 13.17
N SER B 9 -3.04 -14.01 13.47
CA SER B 9 -3.99 -12.91 13.38
C SER B 9 -3.41 -11.73 12.62
N ALA B 10 -4.31 -10.95 12.01
CA ALA B 10 -3.97 -9.73 11.30
C ALA B 10 -5.14 -8.76 11.42
N SER B 11 -4.83 -7.47 11.49
CA SER B 11 -5.84 -6.46 11.74
C SER B 11 -5.53 -5.19 10.96
N GLY B 12 -6.59 -4.50 10.54
CA GLY B 12 -6.45 -3.25 9.82
C GLY B 12 -7.77 -2.52 9.63
N THR B 13 -7.71 -1.20 9.52
CA THR B 13 -8.89 -0.41 9.24
C THR B 13 -9.22 -0.49 7.75
N PRO B 14 -10.45 -0.15 7.35
CA PRO B 14 -10.75 -0.09 5.92
C PRO B 14 -9.80 0.85 5.20
N GLY B 15 -9.39 0.45 3.99
CA GLY B 15 -8.45 1.21 3.21
C GLY B 15 -6.99 0.93 3.49
N GLN B 16 -6.66 0.37 4.65
CA GLN B 16 -5.28 0.11 4.99
C GLN B 16 -4.78 -1.12 4.24
N ARG B 17 -3.46 -1.34 4.30
CA ARG B 17 -2.81 -2.46 3.65
C ARG B 17 -2.35 -3.43 4.73
N VAL B 18 -2.77 -4.68 4.64
CA VAL B 18 -2.37 -5.72 5.57
C VAL B 18 -1.41 -6.66 4.84
N THR B 19 -0.29 -6.96 5.48
CA THR B 19 0.82 -7.66 4.86
C THR B 19 1.04 -8.97 5.64
N ILE B 20 0.63 -10.08 5.06
CA ILE B 20 0.69 -11.38 5.72
C ILE B 20 2.10 -11.93 5.50
N SER B 21 2.63 -12.68 6.48
CA SER B 21 4.03 -13.08 6.37
C SER B 21 4.15 -14.35 5.52
N CYS B 22 4.45 -15.48 6.17
CA CYS B 22 4.84 -16.77 5.60
C CYS B 22 6.36 -16.90 5.48
N SER B 23 6.97 -17.62 6.40
CA SER B 23 8.41 -17.86 6.40
C SER B 23 8.67 -19.36 6.47
N GLY B 24 9.67 -19.82 5.71
CA GLY B 24 10.01 -21.22 5.66
C GLY B 24 11.48 -21.47 5.38
N SER B 25 11.84 -22.72 5.08
CA SER B 25 13.23 -23.09 4.91
C SER B 25 13.74 -22.67 3.53
N SER B 26 15.05 -22.84 3.34
CA SER B 26 15.69 -22.58 2.06
C SER B 26 15.40 -23.66 1.03
N SER B 27 14.71 -24.73 1.43
CA SER B 27 14.19 -25.71 0.50
C SER B 27 12.69 -25.53 0.25
N ASN B 28 12.01 -24.74 1.08
CA ASN B 28 10.61 -24.39 0.86
C ASN B 28 10.51 -23.10 0.06
N VAL B 29 10.29 -21.99 0.76
CA VAL B 29 9.91 -20.73 0.13
C VAL B 29 11.05 -20.00 -0.55
N GLU B 30 12.29 -20.49 -0.44
CA GLU B 30 13.38 -19.81 -1.13
C GLU B 30 13.15 -19.83 -2.64
N ASN B 31 12.71 -20.97 -3.16
CA ASN B 31 12.23 -21.06 -4.53
C ASN B 31 11.00 -21.96 -4.61
N ASP B 32 10.80 -22.62 -5.76
CA ASP B 32 9.67 -23.50 -6.03
C ASP B 32 8.33 -22.79 -5.89
N ASN B 33 8.34 -21.46 -6.00
CA ASN B 33 7.15 -20.63 -6.15
C ASN B 33 6.18 -20.76 -4.99
N VAL B 34 6.19 -19.78 -4.10
CA VAL B 34 5.16 -19.69 -3.08
C VAL B 34 3.83 -19.32 -3.72
N ASN B 35 2.79 -20.10 -3.43
CA ASN B 35 1.44 -19.82 -3.86
C ASN B 35 0.63 -19.35 -2.65
N TRP B 36 -0.37 -18.52 -2.91
CA TRP B 36 -1.13 -17.87 -1.85
C TRP B 36 -2.62 -18.16 -2.05
N PHE B 37 -3.34 -18.40 -0.95
CA PHE B 37 -4.72 -18.83 -1.04
C PHE B 37 -5.58 -18.09 -0.03
N GLN B 38 -6.87 -17.99 -0.36
CA GLN B 38 -7.86 -17.30 0.46
C GLN B 38 -9.04 -18.21 0.69
N GLN B 39 -9.51 -18.27 1.93
CA GLN B 39 -10.63 -19.14 2.26
C GLN B 39 -11.52 -18.39 3.24
N GLN B 40 -12.76 -18.11 2.82
CA GLN B 40 -13.63 -17.21 3.56
C GLN B 40 -14.01 -17.82 4.92
N VAL B 41 -14.22 -19.14 4.91
CA VAL B 41 -14.80 -19.92 6.02
C VAL B 41 -14.13 -21.28 6.03
N PRO B 42 -14.01 -21.94 7.23
CA PRO B 42 -13.37 -23.27 7.24
C PRO B 42 -13.68 -24.20 6.06
N GLY B 43 -14.90 -24.71 5.95
CA GLY B 43 -15.19 -25.65 4.88
C GLY B 43 -15.25 -25.04 3.49
N SER B 44 -14.93 -23.75 3.36
CA SER B 44 -15.07 -23.07 2.09
C SER B 44 -14.09 -23.58 1.04
N THR B 45 -14.42 -23.29 -0.21
CA THR B 45 -13.52 -23.58 -1.31
C THR B 45 -12.44 -22.50 -1.37
N PRO B 46 -11.17 -22.87 -1.38
CA PRO B 46 -10.11 -21.87 -1.51
C PRO B 46 -10.12 -21.19 -2.86
N LYS B 47 -9.38 -20.07 -2.91
CA LYS B 47 -9.31 -19.22 -4.09
C LYS B 47 -7.89 -18.70 -4.20
N LEU B 48 -7.26 -18.94 -5.35
CA LEU B 48 -5.86 -18.58 -5.55
C LEU B 48 -5.74 -17.08 -5.78
N VAL B 49 -5.20 -16.36 -4.80
CA VAL B 49 -5.02 -14.92 -4.94
C VAL B 49 -3.71 -14.60 -5.66
N ILE B 50 -2.59 -15.14 -5.19
CA ILE B 50 -1.27 -14.94 -5.77
C ILE B 50 -0.67 -16.29 -6.10
N TYR B 51 0.05 -16.36 -7.22
CA TYR B 51 0.74 -17.59 -7.61
C TYR B 51 2.13 -17.26 -8.13
N ASN B 52 2.94 -18.31 -8.25
CA ASN B 52 4.33 -18.27 -8.70
C ASN B 52 5.03 -17.04 -8.12
N ASP B 53 5.16 -17.05 -6.78
CA ASP B 53 5.73 -15.98 -5.95
C ASP B 53 4.83 -14.75 -5.86
N ARG B 54 4.65 -14.07 -6.99
CA ARG B 54 4.06 -12.73 -7.01
C ARG B 54 3.06 -12.50 -8.14
N LEU B 55 3.02 -13.36 -9.15
CA LEU B 55 2.09 -13.20 -10.26
C LEU B 55 0.66 -13.37 -9.78
N ARG B 56 -0.27 -12.78 -10.55
CA ARG B 56 -1.69 -12.90 -10.26
C ARG B 56 -2.43 -13.65 -11.36
N PRO B 57 -3.43 -14.45 -10.99
CA PRO B 57 -4.29 -15.09 -12.01
C PRO B 57 -5.19 -14.09 -12.72
N SER B 58 -6.34 -14.57 -13.20
CA SER B 58 -7.34 -13.72 -13.82
C SER B 58 -8.56 -13.62 -12.91
N GLY B 59 -9.19 -12.45 -12.90
CA GLY B 59 -10.27 -12.18 -11.97
C GLY B 59 -9.83 -11.72 -10.60
N VAL B 60 -8.53 -11.62 -10.37
CA VAL B 60 -7.97 -11.21 -9.09
C VAL B 60 -7.68 -9.71 -9.14
N PRO B 61 -8.05 -8.94 -8.12
CA PRO B 61 -7.81 -7.50 -8.15
C PRO B 61 -6.32 -7.18 -8.12
N ASP B 62 -5.99 -6.07 -8.79
CA ASP B 62 -4.69 -5.43 -8.62
C ASP B 62 -4.40 -5.07 -7.16
N ARG B 63 -5.44 -4.97 -6.34
CA ARG B 63 -5.28 -4.77 -4.90
C ARG B 63 -4.30 -5.77 -4.31
N PHE B 64 -4.53 -7.05 -4.55
CA PHE B 64 -3.73 -8.10 -3.97
C PHE B 64 -2.35 -8.15 -4.63
N SER B 65 -1.33 -8.40 -3.82
CA SER B 65 0.05 -8.23 -4.27
C SER B 65 0.99 -8.94 -3.30
N GLY B 66 2.21 -9.22 -3.77
CA GLY B 66 3.14 -10.01 -2.99
C GLY B 66 4.58 -9.84 -3.40
N SER B 67 5.48 -10.25 -2.50
CA SER B 67 6.92 -10.04 -2.66
C SER B 67 7.68 -11.15 -1.93
N LYS B 68 8.93 -11.38 -2.35
CA LYS B 68 9.80 -12.43 -1.80
C LYS B 68 11.09 -11.85 -1.23
N SER B 69 11.51 -12.34 -0.04
CA SER B 69 12.80 -11.99 0.55
C SER B 69 13.37 -13.22 1.29
N GLY B 70 13.99 -14.12 0.53
CA GLY B 70 14.67 -15.27 1.10
C GLY B 70 13.80 -16.22 1.90
N THR B 71 14.12 -16.36 3.19
CA THR B 71 13.39 -17.26 4.09
C THR B 71 11.91 -16.93 4.18
N SER B 72 11.45 -15.81 3.63
CA SER B 72 10.06 -15.43 3.76
C SER B 72 9.62 -14.58 2.58
N ALA B 73 8.40 -14.85 2.11
CA ALA B 73 7.68 -14.01 1.16
C ALA B 73 6.41 -13.51 1.84
N TYR B 74 5.75 -12.52 1.25
CA TYR B 74 4.64 -11.87 1.92
C TYR B 74 3.48 -11.64 0.94
N LEU B 75 2.28 -11.46 1.51
CA LEU B 75 1.08 -11.14 0.77
C LEU B 75 0.58 -9.77 1.20
N ALA B 76 0.52 -8.84 0.26
CA ALA B 76 0.11 -7.46 0.55
C ALA B 76 -1.33 -7.27 0.06
N ILE B 77 -2.28 -7.38 0.99
CA ILE B 77 -3.69 -7.10 0.69
C ILE B 77 -3.90 -5.59 0.72
N SER B 78 -3.64 -4.93 -0.41
CA SER B 78 -3.85 -3.50 -0.50
C SER B 78 -5.33 -3.18 -0.67
N GLY B 79 -5.71 -1.96 -0.29
CA GLY B 79 -7.08 -1.50 -0.41
C GLY B 79 -8.06 -2.43 0.25
N LEU B 80 -8.05 -2.44 1.58
CA LEU B 80 -8.67 -3.50 2.35
C LEU B 80 -10.19 -3.36 2.28
N GLN B 81 -10.84 -4.35 1.68
CA GLN B 81 -12.27 -4.31 1.38
C GLN B 81 -13.02 -4.79 2.63
N SER B 82 -14.36 -4.75 2.60
CA SER B 82 -15.12 -5.18 3.77
C SER B 82 -15.16 -6.70 3.90
N GLU B 83 -15.27 -7.39 2.75
CA GLU B 83 -15.37 -8.84 2.67
C GLU B 83 -14.05 -9.56 2.96
N ASP B 84 -12.91 -8.87 2.79
CA ASP B 84 -11.62 -9.55 2.67
C ASP B 84 -11.24 -10.30 3.94
N GLU B 85 -11.97 -10.06 5.02
CA GLU B 85 -11.76 -10.76 6.28
C GLU B 85 -11.98 -12.25 6.08
N ALA B 86 -10.89 -13.00 6.11
CA ALA B 86 -10.89 -14.41 5.75
C ALA B 86 -9.65 -15.05 6.36
N ASP B 87 -9.54 -16.36 6.20
CA ASP B 87 -8.34 -17.09 6.57
C ASP B 87 -7.46 -17.25 5.34
N TYR B 88 -6.20 -16.85 5.46
CA TYR B 88 -5.29 -16.84 4.32
C TYR B 88 -4.15 -17.84 4.55
N TYR B 89 -3.74 -18.52 3.48
CA TYR B 89 -2.80 -19.62 3.57
C TYR B 89 -1.75 -19.51 2.48
N CYS B 90 -0.58 -20.11 2.71
CA CYS B 90 0.52 -20.10 1.75
C CYS B 90 1.09 -21.51 1.58
N VAL B 91 1.51 -21.83 0.34
CA VAL B 91 1.90 -23.17 -0.05
C VAL B 91 3.23 -23.09 -0.81
N ALA B 92 4.02 -24.16 -0.74
CA ALA B 92 5.22 -24.26 -1.55
C ALA B 92 5.70 -25.71 -1.59
N TRP B 93 6.32 -26.07 -2.72
CA TRP B 93 6.84 -27.41 -2.93
C TRP B 93 8.24 -27.53 -2.36
N ASP B 94 8.54 -28.70 -1.79
CA ASP B 94 9.86 -29.00 -1.23
C ASP B 94 10.31 -30.34 -1.79
N ALA B 95 11.38 -30.34 -2.60
CA ALA B 95 11.97 -31.59 -3.05
C ALA B 95 12.32 -32.46 -1.86
N SER B 96 12.99 -31.87 -0.87
CA SER B 96 13.14 -32.46 0.44
C SER B 96 11.78 -32.86 1.01
N LEU B 97 11.60 -34.15 1.24
CA LEU B 97 10.24 -34.68 1.39
C LEU B 97 9.32 -34.14 0.31
N GLN B 98 9.30 -34.88 -0.80
CA GLN B 98 8.51 -34.55 -1.99
C GLN B 98 7.10 -34.17 -1.56
N SER B 99 6.84 -32.92 -1.21
CA SER B 99 5.49 -32.55 -0.83
C SER B 99 5.28 -31.06 -1.00
N TYR B 100 4.04 -30.64 -0.76
CA TYR B 100 3.62 -29.26 -0.68
C TYR B 100 3.43 -28.92 0.79
N VAL B 101 3.87 -27.74 1.20
CA VAL B 101 3.88 -27.39 2.62
C VAL B 101 2.99 -26.16 2.79
N PHE B 102 1.88 -26.34 3.51
CA PHE B 102 0.92 -25.27 3.75
C PHE B 102 1.38 -24.41 4.92
N GLY B 103 0.55 -23.45 5.31
CA GLY B 103 0.86 -22.54 6.39
C GLY B 103 -0.14 -22.66 7.55
N THR B 104 0.23 -22.05 8.68
CA THR B 104 -0.66 -22.07 9.84
C THR B 104 -1.97 -21.37 9.56
N GLY B 105 -1.97 -20.37 8.68
CA GLY B 105 -3.14 -19.59 8.42
C GLY B 105 -3.17 -18.31 9.23
N THR B 106 -3.49 -17.20 8.58
CA THR B 106 -3.65 -15.90 9.22
C THR B 106 -5.08 -15.45 9.00
N LYS B 107 -5.75 -14.97 10.04
CA LYS B 107 -7.12 -14.48 9.89
C LYS B 107 -7.13 -12.96 9.87
N VAL B 108 -7.20 -12.41 8.66
CA VAL B 108 -7.38 -10.97 8.49
C VAL B 108 -8.72 -10.56 9.06
N THR B 109 -8.73 -9.47 9.82
CA THR B 109 -9.92 -9.00 10.52
C THR B 109 -10.00 -7.49 10.29
N VAL B 110 -10.96 -7.05 9.48
CA VAL B 110 -11.13 -5.63 9.23
C VAL B 110 -12.02 -5.04 10.31
N LEU B 111 -11.82 -3.76 10.62
CA LEU B 111 -12.42 -3.13 11.80
C LEU B 111 -13.15 -1.86 11.37
N ARG B 112 -14.48 -1.85 11.46
CA ARG B 112 -15.25 -0.76 10.88
C ARG B 112 -16.63 -0.58 11.50
N THR B 113 -17.66 -0.36 10.66
CA THR B 113 -18.95 0.10 11.16
C THR B 113 -19.60 -0.96 12.03
N VAL B 114 -20.74 -0.60 12.60
CA VAL B 114 -21.46 -1.45 13.53
C VAL B 114 -22.80 -1.81 12.92
N ALA B 115 -23.36 -2.95 13.35
CA ALA B 115 -24.64 -3.43 12.83
C ALA B 115 -25.45 -4.01 13.97
N ALA B 116 -26.76 -4.18 13.71
CA ALA B 116 -27.72 -4.60 14.72
C ALA B 116 -28.16 -6.02 14.48
N PRO B 117 -28.14 -6.89 15.51
CA PRO B 117 -28.58 -8.27 15.33
C PRO B 117 -30.10 -8.40 15.22
N SER B 118 -30.62 -8.52 14.01
CA SER B 118 -32.02 -8.88 13.85
C SER B 118 -32.23 -10.31 14.33
N VAL B 119 -33.16 -10.50 15.26
CA VAL B 119 -33.28 -11.71 16.05
C VAL B 119 -34.68 -12.28 15.90
N PHE B 120 -34.77 -13.58 15.62
CA PHE B 120 -36.05 -14.26 15.47
C PHE B 120 -36.07 -15.51 16.32
N ILE B 121 -37.11 -15.65 17.15
CA ILE B 121 -37.34 -16.83 17.99
C ILE B 121 -38.59 -17.55 17.52
N PHE B 122 -38.50 -18.88 17.43
CA PHE B 122 -39.64 -19.72 17.10
C PHE B 122 -39.90 -20.70 18.24
N PRO B 123 -41.16 -20.95 18.58
CA PRO B 123 -41.48 -21.77 19.76
C PRO B 123 -41.24 -23.24 19.49
N PRO B 124 -41.44 -24.11 20.49
CA PRO B 124 -41.32 -25.55 20.22
C PRO B 124 -42.32 -25.98 19.17
N SER B 125 -41.92 -26.91 18.30
CA SER B 125 -42.88 -27.36 17.31
C SER B 125 -43.95 -28.21 17.99
N ASP B 126 -45.09 -28.32 17.30
CA ASP B 126 -46.28 -28.93 17.87
C ASP B 126 -46.02 -30.37 18.27
N GLU B 127 -45.54 -31.15 17.30
CA GLU B 127 -45.33 -32.59 17.39
C GLU B 127 -43.97 -32.99 17.94
N GLN B 128 -43.01 -32.06 18.00
CA GLN B 128 -41.88 -32.24 18.91
C GLN B 128 -42.36 -32.41 20.33
N LEU B 129 -43.22 -31.48 20.78
CA LEU B 129 -43.82 -31.56 22.10
C LEU B 129 -44.51 -32.89 22.29
N LYS B 130 -45.14 -33.41 21.24
CA LYS B 130 -45.94 -34.61 21.32
C LYS B 130 -45.09 -35.86 21.52
N SER B 131 -43.77 -35.76 21.42
CA SER B 131 -42.88 -36.89 21.64
C SER B 131 -42.24 -36.88 23.02
N GLY B 132 -42.92 -36.32 24.02
CA GLY B 132 -42.34 -36.19 25.35
C GLY B 132 -41.14 -35.28 25.43
N THR B 133 -40.87 -34.51 24.40
CA THR B 133 -39.72 -33.59 24.31
C THR B 133 -40.24 -32.18 24.02
N ALA B 134 -39.33 -31.26 23.71
CA ALA B 134 -39.73 -29.87 23.52
C ALA B 134 -38.75 -29.08 22.66
N SER B 135 -37.79 -28.39 23.31
CA SER B 135 -36.76 -27.56 22.68
C SER B 135 -37.32 -26.31 22.01
N VAL B 136 -36.58 -25.19 22.12
CA VAL B 136 -36.97 -23.89 21.60
C VAL B 136 -35.75 -23.35 20.85
N VAL B 137 -35.96 -22.39 19.95
CA VAL B 137 -34.89 -21.92 19.08
C VAL B 137 -34.82 -20.39 19.02
N CYS B 138 -33.61 -19.85 19.21
CA CYS B 138 -33.24 -18.47 18.89
C CYS B 138 -32.38 -18.47 17.63
N LEU B 139 -32.75 -17.66 16.64
CA LEU B 139 -32.02 -17.63 15.39
C LEU B 139 -31.56 -16.20 15.15
N LEU B 140 -30.30 -15.91 15.46
CA LEU B 140 -29.82 -14.54 15.44
C LEU B 140 -29.24 -14.30 14.04
N ASN B 141 -29.57 -13.17 13.43
CA ASN B 141 -29.24 -12.90 12.03
C ASN B 141 -28.04 -11.97 11.97
N ASN B 142 -28.04 -10.92 11.13
CA ASN B 142 -26.82 -10.20 10.77
C ASN B 142 -26.35 -9.29 11.90
N PHE B 143 -25.07 -9.35 12.23
CA PHE B 143 -24.43 -8.41 13.14
C PHE B 143 -22.94 -8.37 12.82
N TYR B 144 -22.33 -7.17 12.92
CA TYR B 144 -20.94 -7.08 12.48
C TYR B 144 -19.94 -7.39 13.60
N PRO B 145 -19.95 -6.73 14.75
CA PRO B 145 -19.11 -7.23 15.85
C PRO B 145 -19.55 -8.63 16.23
N ARG B 146 -18.61 -9.58 16.19
CA ARG B 146 -18.93 -10.98 16.40
C ARG B 146 -19.47 -11.27 17.79
N GLU B 147 -19.29 -10.34 18.72
CA GLU B 147 -19.69 -10.56 20.11
C GLU B 147 -21.20 -10.70 20.22
N ALA B 148 -21.65 -11.67 21.01
CA ALA B 148 -23.09 -11.88 21.18
C ALA B 148 -23.38 -12.89 22.29
N LYS B 149 -23.31 -12.45 23.55
CA LYS B 149 -23.67 -13.33 24.65
C LYS B 149 -25.19 -13.39 24.75
N VAL B 150 -25.73 -14.61 24.78
CA VAL B 150 -27.16 -14.84 24.58
C VAL B 150 -27.68 -15.90 25.53
N GLN B 151 -27.07 -15.99 26.73
CA GLN B 151 -27.59 -16.85 27.78
C GLN B 151 -29.09 -16.67 27.91
N TRP B 152 -29.87 -17.68 27.55
CA TRP B 152 -31.32 -17.57 27.69
C TRP B 152 -31.66 -17.19 29.12
N LYS B 153 -32.17 -15.97 29.29
CA LYS B 153 -32.55 -15.47 30.61
C LYS B 153 -33.45 -16.45 31.32
N VAL B 154 -34.42 -17.04 30.61
CA VAL B 154 -35.47 -17.89 31.17
C VAL B 154 -36.31 -17.06 32.13
N ASP B 155 -37.61 -17.01 31.86
CA ASP B 155 -38.59 -16.37 32.75
C ASP B 155 -38.20 -14.89 32.84
N ASN B 156 -38.33 -14.31 34.02
CA ASN B 156 -37.49 -13.20 34.45
C ASN B 156 -36.42 -13.66 35.43
N ALA B 157 -36.30 -14.98 35.63
CA ALA B 157 -35.39 -15.58 36.61
C ALA B 157 -34.33 -16.38 35.85
N LEU B 158 -33.07 -15.93 35.92
CA LEU B 158 -31.99 -16.65 35.23
C LEU B 158 -32.06 -18.15 35.46
N GLN B 159 -31.92 -18.89 34.36
CA GLN B 159 -31.65 -20.32 34.41
C GLN B 159 -30.77 -20.64 33.21
N SER B 160 -29.63 -21.27 33.48
CA SER B 160 -28.70 -21.62 32.41
C SER B 160 -28.53 -23.14 32.35
N GLY B 161 -29.64 -23.87 32.41
CA GLY B 161 -29.58 -25.32 32.36
C GLY B 161 -28.97 -25.83 31.06
N ASN B 162 -29.56 -25.42 29.92
CA ASN B 162 -29.22 -25.96 28.61
C ASN B 162 -28.61 -24.89 27.77
N SER B 163 -29.31 -24.37 26.78
CA SER B 163 -28.99 -23.11 26.07
C SER B 163 -27.60 -23.04 25.43
N GLN B 164 -27.12 -24.21 25.06
CA GLN B 164 -26.48 -24.50 23.78
C GLN B 164 -26.57 -23.34 22.78
N GLU B 165 -25.40 -22.85 22.39
CA GLU B 165 -25.17 -21.66 21.59
C GLU B 165 -24.06 -21.95 20.56
N SER B 166 -24.13 -21.30 19.40
CA SER B 166 -23.14 -21.56 18.35
C SER B 166 -21.99 -20.56 18.44
N VAL B 167 -20.91 -20.85 17.71
CA VAL B 167 -19.73 -20.00 17.73
C VAL B 167 -20.13 -18.62 17.21
N THR B 168 -20.18 -18.49 15.88
CA THR B 168 -20.53 -17.28 15.11
C THR B 168 -20.47 -17.55 13.62
N GLU B 169 -19.32 -17.16 13.06
CA GLU B 169 -19.00 -16.88 11.66
C GLU B 169 -20.16 -16.61 10.72
N GLN B 170 -19.89 -16.84 9.44
CA GLN B 170 -20.83 -17.03 8.31
C GLN B 170 -21.45 -15.67 7.96
N ASP B 171 -22.74 -15.63 7.57
CA ASP B 171 -23.35 -14.65 6.67
C ASP B 171 -22.71 -14.63 5.29
N SER B 172 -21.39 -14.42 5.19
CA SER B 172 -20.73 -14.31 3.89
C SER B 172 -21.39 -13.24 3.04
N LYS B 173 -22.50 -13.58 2.39
CA LYS B 173 -23.38 -12.56 1.85
C LYS B 173 -23.80 -11.64 2.98
N ASP B 174 -23.62 -10.34 2.78
CA ASP B 174 -23.61 -9.40 3.89
C ASP B 174 -22.52 -9.86 4.85
N SER B 175 -21.27 -9.43 4.63
CA SER B 175 -20.14 -10.05 5.31
C SER B 175 -20.12 -9.72 6.81
N THR B 176 -21.30 -9.69 7.43
CA THR B 176 -21.47 -9.62 8.87
C THR B 176 -21.33 -11.01 9.49
N TYR B 177 -22.03 -11.28 10.59
CA TYR B 177 -21.95 -12.56 11.27
C TYR B 177 -23.32 -12.94 11.83
N SER B 178 -23.60 -14.24 11.84
CA SER B 178 -24.86 -14.80 12.35
C SER B 178 -24.55 -15.94 13.31
N LEU B 179 -25.59 -16.45 13.97
CA LEU B 179 -25.37 -17.37 15.07
C LEU B 179 -26.68 -18.10 15.40
N SER B 180 -26.58 -19.09 16.29
CA SER B 180 -27.71 -19.93 16.65
C SER B 180 -27.60 -20.36 18.11
N SER B 181 -28.71 -20.31 18.84
CA SER B 181 -28.77 -20.80 20.21
C SER B 181 -30.10 -21.49 20.45
N THR B 182 -30.05 -22.62 21.18
CA THR B 182 -31.19 -23.50 21.37
C THR B 182 -31.29 -23.91 22.84
N LEU B 183 -32.44 -23.66 23.46
CA LEU B 183 -32.71 -24.08 24.83
C LEU B 183 -33.71 -25.25 24.80
N THR B 184 -33.21 -26.44 25.12
CA THR B 184 -34.07 -27.61 25.25
C THR B 184 -34.95 -27.48 26.48
N LEU B 185 -36.18 -28.01 26.39
CA LEU B 185 -37.01 -28.25 27.57
C LEU B 185 -37.56 -29.66 27.57
N SER B 186 -38.11 -30.01 28.72
CA SER B 186 -39.00 -31.15 28.86
C SER B 186 -40.40 -30.79 28.38
N LYS B 187 -41.15 -31.81 27.98
CA LYS B 187 -42.56 -31.69 27.64
C LYS B 187 -43.35 -30.92 28.70
N ALA B 188 -43.45 -31.49 29.90
CA ALA B 188 -44.22 -30.85 30.95
C ALA B 188 -43.54 -29.57 31.45
N ASP B 189 -42.21 -29.48 31.31
CA ASP B 189 -41.49 -28.29 31.76
C ASP B 189 -41.88 -27.06 30.95
N TYR B 190 -42.37 -27.25 29.72
CA TYR B 190 -42.78 -26.10 28.92
C TYR B 190 -43.94 -25.36 29.59
N GLU B 191 -44.92 -26.10 30.09
CA GLU B 191 -46.09 -25.53 30.75
C GLU B 191 -45.79 -25.04 32.15
N LYS B 192 -44.65 -24.38 32.33
CA LYS B 192 -44.20 -23.92 33.63
C LYS B 192 -44.39 -22.41 33.76
N HIS B 193 -44.88 -21.76 32.70
CA HIS B 193 -45.35 -20.37 32.63
C HIS B 193 -44.17 -19.42 32.36
N LYS B 194 -44.46 -18.19 31.91
CA LYS B 194 -43.46 -17.24 31.40
C LYS B 194 -42.86 -17.84 30.13
N VAL B 195 -42.26 -17.03 29.26
CA VAL B 195 -41.82 -17.56 27.98
C VAL B 195 -40.33 -17.32 27.75
N TYR B 196 -39.57 -17.33 28.85
CA TYR B 196 -38.11 -17.48 28.87
C TYR B 196 -37.28 -16.32 28.31
N ALA B 197 -37.43 -15.98 27.03
CA ALA B 197 -36.67 -14.91 26.39
C ALA B 197 -35.20 -15.28 26.18
N CYS B 198 -34.52 -14.47 25.38
CA CYS B 198 -33.23 -14.83 24.79
C CYS B 198 -32.37 -13.58 24.86
N GLU B 199 -31.45 -13.53 25.84
CA GLU B 199 -30.66 -12.32 26.06
C GLU B 199 -29.61 -12.10 24.98
N VAL B 200 -30.07 -11.90 23.75
CA VAL B 200 -29.19 -11.31 22.76
C VAL B 200 -28.65 -9.98 23.30
N THR B 201 -27.37 -9.98 23.65
CA THR B 201 -26.67 -8.84 24.26
C THR B 201 -25.46 -8.51 23.40
N HIS B 202 -25.59 -7.50 22.54
CA HIS B 202 -24.48 -6.98 21.74
C HIS B 202 -23.75 -5.94 22.58
N GLN B 203 -23.19 -4.89 21.97
CA GLN B 203 -22.94 -3.69 22.78
C GLN B 203 -24.24 -3.19 23.39
N GLY B 204 -25.33 -3.25 22.63
CA GLY B 204 -26.65 -2.96 23.14
C GLY B 204 -27.27 -4.23 23.71
N LEU B 205 -28.56 -4.46 23.44
CA LEU B 205 -29.22 -5.61 24.03
C LEU B 205 -30.60 -5.76 23.38
N SER B 206 -31.17 -6.95 23.48
CA SER B 206 -32.48 -7.25 22.91
C SER B 206 -32.98 -8.54 23.55
N SER B 207 -34.29 -8.76 23.44
CA SER B 207 -34.89 -9.96 24.02
C SER B 207 -36.31 -10.20 23.54
N PRO B 208 -36.52 -10.68 22.31
CA PRO B 208 -37.85 -11.15 21.93
C PRO B 208 -38.26 -12.33 22.80
N VAL B 209 -39.33 -12.14 23.54
CA VAL B 209 -39.81 -13.10 24.54
C VAL B 209 -41.18 -13.59 24.09
N THR B 210 -41.24 -14.88 23.73
CA THR B 210 -42.44 -15.46 23.13
C THR B 210 -42.51 -16.97 23.38
N VAL C 2 -16.32 -25.15 -15.90
CA VAL C 2 -15.07 -25.54 -15.26
C VAL C 2 -15.32 -25.97 -13.81
N GLN C 3 -15.69 -27.24 -13.61
CA GLN C 3 -16.18 -27.65 -12.31
C GLN C 3 -15.65 -29.02 -11.92
N LEU C 4 -15.28 -29.14 -10.64
CA LEU C 4 -14.88 -30.39 -10.02
C LEU C 4 -15.80 -30.66 -8.83
N VAL C 5 -16.47 -31.81 -8.87
CA VAL C 5 -17.42 -32.18 -7.83
C VAL C 5 -16.88 -33.38 -7.06
N GLU C 6 -16.54 -33.14 -5.80
CA GLU C 6 -16.16 -34.23 -4.89
C GLU C 6 -17.38 -35.06 -4.58
N SER C 7 -17.21 -36.39 -4.50
CA SER C 7 -18.38 -37.24 -4.42
C SER C 7 -18.14 -38.49 -3.59
N GLY C 8 -17.20 -38.44 -2.65
CA GLY C 8 -16.95 -39.56 -1.75
C GLY C 8 -17.97 -39.65 -0.64
N GLY C 9 -17.60 -40.39 0.40
CA GLY C 9 -18.50 -40.68 1.50
C GLY C 9 -18.13 -39.93 2.77
N GLY C 10 -18.63 -40.43 3.90
CA GLY C 10 -18.45 -39.75 5.16
C GLY C 10 -18.01 -40.62 6.32
N LEU C 11 -18.96 -41.28 6.97
CA LEU C 11 -18.70 -41.88 8.27
C LEU C 11 -18.13 -43.28 8.08
N VAL C 12 -16.96 -43.54 8.69
CA VAL C 12 -16.26 -44.83 8.58
C VAL C 12 -15.70 -45.20 9.95
N GLN C 13 -16.09 -46.40 10.50
CA GLN C 13 -15.31 -46.96 11.62
C GLN C 13 -13.81 -46.89 11.45
N PRO C 14 -13.10 -46.60 12.54
CA PRO C 14 -11.65 -46.59 12.50
C PRO C 14 -11.10 -47.89 11.92
N GLY C 15 -9.96 -47.77 11.24
CA GLY C 15 -9.37 -48.93 10.58
C GLY C 15 -10.12 -49.40 9.36
N GLY C 16 -11.15 -48.68 8.93
CA GLY C 16 -11.92 -49.06 7.76
C GLY C 16 -11.29 -48.57 6.48
N SER C 17 -12.14 -48.40 5.47
CA SER C 17 -11.67 -47.95 4.17
C SER C 17 -12.78 -47.17 3.48
N LEU C 18 -12.38 -46.21 2.64
CA LEU C 18 -13.30 -45.38 1.90
C LEU C 18 -12.66 -44.99 0.58
N ARG C 19 -13.50 -44.78 -0.44
CA ARG C 19 -13.04 -44.36 -1.76
C ARG C 19 -13.64 -43.00 -2.09
N LEU C 20 -12.79 -42.05 -2.42
CA LEU C 20 -13.19 -40.70 -2.77
C LEU C 20 -13.05 -40.48 -4.27
N SER C 21 -13.90 -39.62 -4.82
CA SER C 21 -13.92 -39.39 -6.26
C SER C 21 -14.29 -37.94 -6.54
N CYS C 22 -13.68 -37.40 -7.60
CA CYS C 22 -13.89 -36.01 -8.02
C CYS C 22 -14.20 -35.99 -9.51
N ALA C 23 -15.46 -35.78 -9.85
CA ALA C 23 -15.85 -35.72 -11.26
C ALA C 23 -15.47 -34.37 -11.86
N ALA C 24 -14.93 -34.41 -13.08
CA ALA C 24 -14.28 -33.27 -13.69
C ALA C 24 -15.05 -32.80 -14.91
N SER C 25 -15.25 -31.49 -15.00
CA SER C 25 -15.92 -30.87 -16.14
C SER C 25 -14.94 -29.88 -16.78
N GLU C 26 -14.54 -30.20 -18.02
CA GLU C 26 -13.84 -29.31 -18.96
C GLU C 26 -12.33 -29.40 -18.78
N ILE C 27 -11.86 -29.97 -17.66
CA ILE C 27 -10.45 -30.25 -17.46
C ILE C 27 -10.20 -31.72 -17.72
N THR C 28 -9.32 -32.03 -18.67
CA THR C 28 -8.96 -33.42 -18.97
C THR C 28 -8.09 -33.96 -17.83
N VAL C 29 -8.66 -34.82 -16.97
CA VAL C 29 -7.93 -35.22 -15.77
C VAL C 29 -6.68 -36.02 -16.16
N SER C 30 -6.71 -36.67 -17.32
CA SER C 30 -5.57 -37.48 -17.74
C SER C 30 -4.39 -36.63 -18.20
N SER C 31 -4.57 -35.33 -18.40
CA SER C 31 -3.53 -34.48 -18.95
C SER C 31 -2.98 -33.47 -17.96
N ASN C 32 -3.81 -32.96 -17.08
CA ASN C 32 -3.45 -31.86 -16.20
C ASN C 32 -3.13 -32.48 -14.84
N TYR C 33 -2.09 -31.95 -14.17
CA TYR C 33 -1.52 -32.65 -13.01
C TYR C 33 -2.52 -33.20 -12.01
N MET C 34 -3.31 -32.35 -11.35
CA MET C 34 -4.35 -32.78 -10.40
C MET C 34 -3.79 -33.35 -9.11
N ASN C 35 -4.52 -33.14 -8.01
CA ASN C 35 -3.92 -33.06 -6.69
C ASN C 35 -5.04 -33.00 -5.64
N TRP C 36 -4.86 -33.76 -4.57
CA TRP C 36 -5.82 -33.83 -3.47
C TRP C 36 -5.27 -33.07 -2.27
N VAL C 37 -6.15 -32.30 -1.61
CA VAL C 37 -5.80 -31.52 -0.42
C VAL C 37 -6.92 -31.70 0.59
N ARG C 38 -6.60 -31.59 1.88
CA ARG C 38 -7.59 -31.79 2.92
C ARG C 38 -7.53 -30.70 3.99
N GLN C 39 -8.62 -30.61 4.75
CA GLN C 39 -8.76 -29.64 5.83
C GLN C 39 -9.48 -30.32 6.98
N ALA C 40 -8.77 -30.49 8.09
CA ALA C 40 -9.34 -31.10 9.28
C ALA C 40 -10.40 -30.17 9.88
N PRO C 41 -11.24 -30.67 10.79
CA PRO C 41 -12.24 -29.79 11.41
C PRO C 41 -11.58 -28.65 12.16
N GLY C 42 -11.81 -27.43 11.66
CA GLY C 42 -11.26 -26.23 12.25
C GLY C 42 -9.74 -26.24 12.36
N LYS C 43 -9.06 -26.56 11.26
CA LYS C 43 -7.60 -26.55 11.23
C LYS C 43 -7.17 -26.03 9.86
N GLY C 44 -5.90 -26.26 9.52
CA GLY C 44 -5.33 -25.78 8.28
C GLY C 44 -5.52 -26.76 7.14
N LEU C 45 -4.79 -26.49 6.06
CA LEU C 45 -4.88 -27.27 4.84
C LEU C 45 -3.67 -28.20 4.74
N GLU C 46 -3.89 -29.43 4.31
CA GLU C 46 -2.83 -30.42 4.22
C GLU C 46 -2.84 -31.09 2.86
N TRP C 47 -1.73 -30.98 2.13
CA TRP C 47 -1.59 -31.66 0.85
C TRP C 47 -1.52 -33.16 1.08
N VAL C 48 -2.40 -33.91 0.41
CA VAL C 48 -2.47 -35.35 0.60
C VAL C 48 -1.63 -36.05 -0.45
N SER C 49 -2.06 -35.97 -1.71
CA SER C 49 -1.40 -36.68 -2.79
C SER C 49 -1.44 -35.83 -4.04
N VAL C 50 -0.49 -36.06 -4.93
CA VAL C 50 -0.53 -35.52 -6.27
C VAL C 50 -0.43 -36.69 -7.23
N ILE C 51 -1.09 -36.59 -8.37
CA ILE C 51 -0.82 -37.49 -9.48
C ILE C 51 -0.26 -36.62 -10.60
N TYR C 52 0.44 -37.27 -11.51
CA TYR C 52 0.93 -36.59 -12.70
C TYR C 52 0.16 -37.11 -13.91
N SER C 53 0.25 -36.35 -14.99
CA SER C 53 -0.36 -36.77 -16.26
C SER C 53 0.13 -38.17 -16.67
N GLY C 54 1.44 -38.36 -16.71
CA GLY C 54 2.00 -39.63 -17.11
C GLY C 54 2.25 -40.59 -15.97
N GLY C 55 1.46 -40.46 -14.90
CA GLY C 55 1.70 -41.24 -13.71
C GLY C 55 2.84 -40.64 -12.91
N THR C 56 3.33 -41.43 -11.95
CA THR C 56 4.34 -41.01 -10.97
C THR C 56 3.70 -40.15 -9.88
N THR C 57 2.93 -40.83 -9.04
CA THR C 57 2.35 -40.30 -7.82
C THR C 57 3.40 -39.92 -6.78
N TYR C 58 3.08 -38.89 -5.99
CA TYR C 58 3.81 -38.50 -4.80
C TYR C 58 2.80 -38.39 -3.66
N TYR C 59 3.12 -38.97 -2.51
CA TYR C 59 2.21 -38.96 -1.37
C TYR C 59 2.84 -38.20 -0.20
N ALA C 60 2.00 -37.79 0.75
CA ALA C 60 2.49 -37.22 2.00
C ALA C 60 2.92 -38.34 2.95
N ASP C 61 3.93 -38.05 3.79
CA ASP C 61 4.37 -39.08 4.74
C ASP C 61 3.29 -39.42 5.75
N SER C 62 2.36 -38.51 6.01
CA SER C 62 1.34 -38.82 6.99
C SER C 62 0.33 -39.86 6.50
N VAL C 63 0.49 -40.39 5.28
CA VAL C 63 -0.38 -41.43 4.77
C VAL C 63 0.43 -42.58 4.16
N LYS C 64 1.30 -42.25 3.19
CA LYS C 64 2.08 -43.20 2.40
C LYS C 64 1.25 -44.40 1.96
N GLY C 65 1.49 -45.55 2.58
CA GLY C 65 0.81 -46.78 2.17
C GLY C 65 -0.66 -46.82 2.51
N ARG C 66 -1.11 -45.97 3.43
CA ARG C 66 -2.52 -45.96 3.83
C ARG C 66 -3.41 -45.35 2.77
N PHE C 67 -2.86 -44.60 1.82
CA PHE C 67 -3.66 -43.89 0.82
C PHE C 67 -3.08 -44.18 -0.56
N THR C 68 -3.97 -44.22 -1.57
CA THR C 68 -3.55 -44.34 -2.96
C THR C 68 -4.46 -43.51 -3.85
N ILE C 69 -3.87 -42.99 -4.93
CA ILE C 69 -4.51 -42.04 -5.84
C ILE C 69 -4.48 -42.64 -7.25
N SER C 70 -5.51 -42.35 -8.04
CA SER C 70 -5.54 -42.89 -9.40
C SER C 70 -6.51 -42.12 -10.28
N ARG C 71 -6.40 -42.38 -11.58
CA ARG C 71 -7.22 -41.80 -12.62
C ARG C 71 -8.06 -42.90 -13.24
N ASP C 72 -9.37 -42.69 -13.33
CA ASP C 72 -10.19 -43.62 -14.10
C ASP C 72 -9.84 -43.49 -15.57
N ASN C 73 -9.57 -44.61 -16.22
CA ASN C 73 -9.39 -44.60 -17.66
C ASN C 73 -10.77 -44.56 -18.31
N SER C 74 -10.86 -43.81 -19.41
CA SER C 74 -12.08 -43.58 -20.20
C SER C 74 -13.01 -42.56 -19.54
N GLU C 75 -12.90 -42.38 -18.22
CA GLU C 75 -13.78 -41.50 -17.48
C GLU C 75 -12.96 -40.39 -16.82
N ASN C 76 -13.55 -39.20 -16.76
CA ASN C 76 -12.82 -37.98 -16.40
C ASN C 76 -12.95 -37.71 -14.89
N THR C 77 -12.48 -38.68 -14.11
CA THR C 77 -12.62 -38.70 -12.67
C THR C 77 -11.28 -39.13 -12.06
N LEU C 78 -10.88 -38.52 -10.95
CA LEU C 78 -9.77 -39.10 -10.22
C LEU C 78 -10.26 -39.59 -8.86
N TYR C 79 -9.46 -40.46 -8.24
CA TYR C 79 -9.87 -41.14 -7.02
C TYR C 79 -8.78 -41.04 -5.97
N LEU C 80 -9.22 -41.21 -4.72
CA LEU C 80 -8.35 -41.38 -3.56
C LEU C 80 -8.88 -42.58 -2.79
N GLN C 81 -8.26 -43.74 -2.95
CA GLN C 81 -8.62 -44.88 -2.10
C GLN C 81 -7.94 -44.71 -0.76
N MET C 82 -8.75 -44.62 0.30
CA MET C 82 -8.28 -44.43 1.66
C MET C 82 -8.52 -45.73 2.43
N ASN C 83 -7.45 -46.28 3.01
CA ASN C 83 -7.57 -47.50 3.78
C ASN C 83 -6.67 -47.42 5.00
N SER C 84 -6.98 -48.25 6.00
CA SER C 84 -6.35 -48.17 7.32
C SER C 84 -6.59 -46.80 7.96
N LEU C 85 -7.81 -46.31 7.86
CA LEU C 85 -8.13 -44.94 8.25
C LEU C 85 -8.09 -44.77 9.76
N ARG C 86 -7.82 -43.54 10.20
CA ARG C 86 -7.72 -43.19 11.61
C ARG C 86 -8.49 -41.91 11.87
N ALA C 87 -8.64 -41.58 13.16
CA ALA C 87 -9.40 -40.40 13.53
C ALA C 87 -8.71 -39.11 13.11
N GLU C 88 -7.38 -39.12 13.00
CA GLU C 88 -6.67 -37.94 12.50
C GLU C 88 -7.19 -37.57 11.12
N ASP C 89 -7.51 -38.58 10.31
CA ASP C 89 -7.90 -38.41 8.93
C ASP C 89 -9.28 -37.79 8.78
N THR C 90 -10.07 -37.75 9.86
CA THR C 90 -11.35 -37.06 9.88
C THR C 90 -11.15 -35.63 9.42
N ALA C 91 -11.71 -35.28 8.27
CA ALA C 91 -11.42 -33.99 7.66
C ALA C 91 -12.41 -33.75 6.52
N VAL C 92 -12.14 -32.71 5.75
CA VAL C 92 -12.82 -32.43 4.49
C VAL C 92 -11.77 -32.52 3.40
N TYR C 93 -12.09 -33.21 2.30
CA TYR C 93 -11.12 -33.49 1.26
C TYR C 93 -11.49 -32.77 -0.03
N TYR C 94 -10.48 -32.19 -0.67
CA TYR C 94 -10.65 -31.31 -1.83
C TYR C 94 -9.82 -31.82 -2.98
N CYS C 95 -10.42 -31.99 -4.15
CA CYS C 95 -9.67 -32.18 -5.38
C CYS C 95 -9.31 -30.82 -5.98
N ALA C 96 -8.18 -30.76 -6.68
CA ALA C 96 -7.66 -29.48 -7.14
C ALA C 96 -6.70 -29.67 -8.30
N ARG C 97 -6.57 -28.61 -9.09
CA ARG C 97 -5.82 -28.62 -10.34
C ARG C 97 -4.51 -27.90 -10.08
N ASP C 98 -3.40 -28.63 -9.93
CA ASP C 98 -2.13 -27.95 -9.66
C ASP C 98 -1.40 -27.78 -10.98
N LEU C 99 -1.58 -26.62 -11.59
CA LEU C 99 -0.78 -26.22 -12.73
C LEU C 99 0.51 -25.67 -12.13
N MET C 100 1.62 -26.41 -12.24
CA MET C 100 2.80 -26.12 -11.41
C MET C 100 3.25 -24.67 -11.47
N GLU C 101 3.87 -24.22 -12.56
CA GLU C 101 4.27 -22.82 -12.66
C GLU C 101 3.41 -21.97 -13.58
N VAL C 102 3.00 -22.48 -14.74
CA VAL C 102 2.22 -21.64 -15.66
C VAL C 102 0.90 -21.19 -15.04
N GLY C 103 0.52 -21.79 -13.93
CA GLY C 103 -0.55 -21.26 -13.10
C GLY C 103 -0.29 -21.72 -11.69
N GLY C 104 -1.36 -22.03 -10.97
CA GLY C 104 -1.21 -22.60 -9.65
C GLY C 104 -2.27 -23.65 -9.39
N MET C 105 -2.70 -23.76 -8.14
CA MET C 105 -3.77 -24.66 -7.76
C MET C 105 -5.12 -23.97 -7.99
N ASP C 106 -5.44 -23.79 -9.27
CA ASP C 106 -6.75 -23.26 -9.60
C ASP C 106 -7.79 -24.35 -9.56
N VAL C 107 -9.05 -23.93 -9.67
CA VAL C 107 -10.20 -24.82 -9.86
C VAL C 107 -10.21 -25.85 -8.73
N TRP C 108 -10.65 -25.43 -7.54
CA TRP C 108 -10.83 -26.34 -6.43
C TRP C 108 -12.26 -26.84 -6.40
N GLY C 109 -12.46 -28.02 -5.82
CA GLY C 109 -13.79 -28.57 -5.67
C GLY C 109 -14.47 -28.14 -4.39
N GLN C 110 -15.75 -28.48 -4.28
CA GLN C 110 -16.51 -28.11 -3.09
C GLN C 110 -16.02 -28.85 -1.86
N GLY C 111 -15.86 -30.17 -1.97
CA GLY C 111 -15.31 -30.95 -0.87
C GLY C 111 -16.32 -31.96 -0.35
N THR C 112 -15.85 -33.19 -0.18
CA THR C 112 -16.62 -34.23 0.49
C THR C 112 -16.14 -34.35 1.94
N THR C 113 -17.08 -34.62 2.83
CA THR C 113 -16.85 -34.50 4.28
C THR C 113 -16.70 -35.90 4.88
N VAL C 114 -15.48 -36.26 5.23
CA VAL C 114 -15.14 -37.58 5.74
C VAL C 114 -15.01 -37.51 7.26
N THR C 115 -15.78 -38.33 7.98
CA THR C 115 -15.78 -38.35 9.44
C THR C 115 -15.47 -39.77 9.90
N VAL C 116 -14.25 -39.98 10.37
CA VAL C 116 -13.77 -41.30 10.78
C VAL C 116 -14.02 -41.44 12.27
N SER C 117 -15.04 -42.20 12.65
CA SER C 117 -15.35 -42.42 14.05
C SER C 117 -16.27 -43.63 14.19
N SER C 118 -16.70 -43.90 15.42
CA SER C 118 -17.65 -44.96 15.70
C SER C 118 -19.01 -44.36 16.04
N ALA C 119 -19.71 -44.97 17.01
CA ALA C 119 -20.99 -44.52 17.57
C ALA C 119 -22.12 -44.54 16.56
N SER C 120 -21.89 -44.92 15.31
CA SER C 120 -22.90 -45.10 14.28
C SER C 120 -23.53 -43.80 13.80
N THR C 121 -24.32 -43.88 12.73
CA THR C 121 -25.05 -42.73 12.22
C THR C 121 -26.21 -42.37 13.15
N LYS C 122 -26.67 -41.13 13.03
CA LYS C 122 -27.86 -40.68 13.73
C LYS C 122 -28.71 -39.86 12.76
N GLY C 123 -29.88 -40.38 12.42
CA GLY C 123 -30.80 -39.71 11.52
C GLY C 123 -31.53 -38.56 12.19
N PRO C 124 -31.67 -37.45 11.49
CA PRO C 124 -32.30 -36.26 12.08
C PRO C 124 -33.79 -36.44 12.26
N SER C 125 -34.36 -35.61 13.13
CA SER C 125 -35.79 -35.56 13.38
C SER C 125 -36.26 -34.16 13.01
N VAL C 126 -36.70 -34.01 11.75
CA VAL C 126 -37.11 -32.71 11.25
C VAL C 126 -38.40 -32.27 11.92
N PHE C 127 -38.44 -31.01 12.35
CA PHE C 127 -39.58 -30.44 13.03
C PHE C 127 -39.83 -29.05 12.46
N PRO C 128 -41.08 -28.65 12.29
CA PRO C 128 -41.39 -27.38 11.63
C PRO C 128 -41.42 -26.20 12.58
N LEU C 129 -40.81 -25.11 12.15
CA LEU C 129 -40.82 -23.86 12.87
C LEU C 129 -41.92 -23.00 12.27
N ALA C 130 -43.10 -23.03 12.89
CA ALA C 130 -44.27 -22.37 12.34
C ALA C 130 -44.06 -20.86 12.25
N PRO C 131 -44.70 -20.18 11.26
CA PRO C 131 -44.58 -18.75 11.05
C PRO C 131 -44.77 -17.90 12.31
N LEU C 143 -40.25 -18.37 8.15
CA LEU C 143 -40.62 -19.65 8.75
C LEU C 143 -39.51 -20.68 8.50
N GLY C 144 -39.49 -21.78 9.25
CA GLY C 144 -38.31 -22.62 9.21
C GLY C 144 -38.55 -24.06 9.59
N CYS C 145 -37.45 -24.82 9.61
CA CYS C 145 -37.41 -26.21 10.08
C CYS C 145 -36.27 -26.40 11.07
N LEU C 146 -36.43 -27.38 11.94
CA LEU C 146 -35.46 -27.69 12.99
C LEU C 146 -34.87 -29.08 12.73
N VAL C 147 -33.68 -29.11 12.15
CA VAL C 147 -32.95 -30.37 11.98
C VAL C 147 -32.35 -30.74 13.34
N LYS C 148 -32.87 -31.79 13.96
CA LYS C 148 -32.54 -32.13 15.34
C LYS C 148 -31.79 -33.45 15.43
N ASP C 149 -30.78 -33.48 16.29
CA ASP C 149 -30.09 -34.71 16.70
C ASP C 149 -29.59 -35.50 15.48
N TYR C 150 -28.46 -35.09 14.90
CA TYR C 150 -27.95 -35.78 13.72
C TYR C 150 -26.44 -35.93 13.80
N PHE C 151 -25.94 -37.00 13.17
CA PHE C 151 -24.53 -37.39 13.16
C PHE C 151 -24.30 -38.31 11.99
N PRO C 152 -23.21 -38.15 11.22
CA PRO C 152 -22.16 -37.11 11.25
C PRO C 152 -22.63 -35.88 10.51
N GLU C 153 -21.74 -35.12 9.90
CA GLU C 153 -22.38 -34.00 9.23
C GLU C 153 -22.18 -34.34 7.76
N PRO C 154 -22.69 -33.58 6.77
CA PRO C 154 -23.55 -32.41 6.56
C PRO C 154 -25.02 -32.74 6.42
N VAL C 155 -25.86 -31.72 6.42
CA VAL C 155 -27.26 -31.83 6.05
C VAL C 155 -27.53 -30.86 4.90
N THR C 156 -28.25 -31.34 3.90
CA THR C 156 -28.63 -30.53 2.75
C THR C 156 -30.11 -30.17 2.90
N VAL C 157 -30.39 -28.90 3.17
CA VAL C 157 -31.74 -28.39 3.34
C VAL C 157 -32.05 -27.48 2.17
N SER C 158 -33.08 -27.83 1.40
CA SER C 158 -33.61 -26.96 0.36
C SER C 158 -35.08 -26.69 0.65
N TRP C 159 -35.53 -25.50 0.25
CA TRP C 159 -36.90 -25.07 0.47
C TRP C 159 -37.64 -25.12 -0.86
N ASN C 160 -38.75 -25.85 -0.90
CA ASN C 160 -39.54 -26.02 -2.11
C ASN C 160 -38.64 -26.40 -3.29
N SER C 161 -37.87 -27.47 -3.08
CA SER C 161 -36.85 -27.93 -4.04
C SER C 161 -35.89 -26.75 -4.28
N GLY C 162 -35.57 -26.41 -5.52
CA GLY C 162 -34.74 -25.26 -5.80
C GLY C 162 -35.50 -23.97 -6.01
N ALA C 163 -36.81 -23.96 -5.75
CA ALA C 163 -37.63 -22.78 -6.06
C ALA C 163 -37.23 -21.59 -5.22
N LEU C 164 -37.22 -21.75 -3.89
CA LEU C 164 -36.86 -20.64 -3.01
C LEU C 164 -35.33 -20.49 -3.03
N THR C 165 -34.84 -19.84 -4.08
CA THR C 165 -33.42 -19.52 -4.17
C THR C 165 -33.03 -18.43 -3.19
N SER C 166 -33.97 -17.57 -2.80
CA SER C 166 -33.67 -16.36 -2.07
C SER C 166 -34.58 -16.22 -0.86
N GLY C 167 -34.11 -15.44 0.12
CA GLY C 167 -34.73 -15.36 1.42
C GLY C 167 -34.23 -16.39 2.42
N VAL C 168 -33.36 -17.30 1.99
CA VAL C 168 -33.00 -18.47 2.76
C VAL C 168 -31.90 -18.11 3.75
N HIS C 169 -31.95 -18.72 4.95
CA HIS C 169 -30.95 -18.48 6.01
C HIS C 169 -30.50 -19.81 6.61
N THR C 170 -29.72 -20.57 5.85
CA THR C 170 -29.20 -21.85 6.34
C THR C 170 -28.16 -21.64 7.43
N PHE C 171 -28.62 -21.51 8.67
CA PHE C 171 -27.69 -21.18 9.74
C PHE C 171 -26.83 -22.39 10.09
N PRO C 172 -25.60 -22.17 10.56
CA PRO C 172 -24.72 -23.29 10.91
C PRO C 172 -25.29 -24.09 12.08
N ALA C 173 -24.70 -25.26 12.30
CA ALA C 173 -25.18 -26.20 13.29
C ALA C 173 -24.60 -25.91 14.66
N VAL C 174 -25.02 -26.70 15.65
CA VAL C 174 -24.46 -26.67 17.00
C VAL C 174 -23.87 -28.05 17.29
N LEU C 175 -23.05 -28.09 18.34
CA LEU C 175 -22.58 -29.33 18.97
C LEU C 175 -23.22 -29.51 20.34
N GLN C 176 -24.35 -30.22 20.36
CA GLN C 176 -24.84 -30.82 21.58
C GLN C 176 -23.75 -31.71 22.17
N SER C 177 -23.42 -31.48 23.45
CA SER C 177 -22.24 -32.11 24.04
C SER C 177 -22.27 -33.62 23.90
N SER C 178 -23.46 -34.22 23.89
CA SER C 178 -23.63 -35.65 23.72
C SER C 178 -23.15 -36.13 22.34
N GLY C 179 -22.54 -35.24 21.56
CA GLY C 179 -22.04 -35.57 20.25
C GLY C 179 -23.01 -35.31 19.11
N LEU C 180 -24.31 -35.25 19.41
CA LEU C 180 -25.32 -34.99 18.40
C LEU C 180 -25.21 -33.55 17.89
N TYR C 181 -25.68 -33.35 16.66
CA TYR C 181 -25.70 -32.04 16.02
C TYR C 181 -27.14 -31.61 15.80
N SER C 182 -27.35 -30.30 15.71
CA SER C 182 -28.66 -29.77 15.37
C SER C 182 -28.49 -28.50 14.54
N LEU C 183 -29.29 -28.40 13.48
CA LEU C 183 -29.23 -27.28 12.55
C LEU C 183 -30.64 -26.79 12.27
N SER C 184 -30.75 -25.56 11.78
CA SER C 184 -32.06 -24.96 11.53
C SER C 184 -31.92 -23.91 10.45
N SER C 185 -32.81 -23.96 9.46
CA SER C 185 -32.80 -23.06 8.32
C SER C 185 -34.15 -22.36 8.21
N VAL C 186 -34.12 -21.05 7.97
CA VAL C 186 -35.33 -20.23 7.87
C VAL C 186 -35.29 -19.39 6.61
N VAL C 187 -36.47 -18.89 6.25
CA VAL C 187 -36.64 -18.03 5.08
C VAL C 187 -37.45 -16.80 5.48
N THR C 188 -37.08 -15.66 4.94
CA THR C 188 -37.87 -14.42 5.08
C THR C 188 -38.94 -14.46 4.00
N VAL C 189 -40.15 -14.88 4.39
CA VAL C 189 -41.23 -15.03 3.43
C VAL C 189 -42.00 -13.71 3.30
N PRO C 190 -42.49 -13.39 2.12
CA PRO C 190 -43.51 -12.33 2.02
C PRO C 190 -44.68 -12.66 2.92
N SER C 191 -44.79 -11.97 4.06
CA SER C 191 -45.97 -12.10 4.89
C SER C 191 -47.24 -11.84 4.11
N SER C 192 -47.16 -11.09 3.01
CA SER C 192 -48.28 -10.89 2.11
C SER C 192 -48.54 -12.15 1.30
N SER C 193 -49.76 -12.66 1.40
CA SER C 193 -50.19 -13.90 0.74
C SER C 193 -49.21 -15.04 0.99
N LEU C 194 -48.69 -15.14 2.21
CA LEU C 194 -47.79 -16.25 2.51
C LEU C 194 -48.53 -17.57 2.46
N GLY C 195 -49.84 -17.56 2.75
CA GLY C 195 -50.69 -18.73 2.68
C GLY C 195 -50.97 -19.25 1.29
N THR C 196 -50.28 -18.72 0.28
CA THR C 196 -50.44 -19.20 -1.09
C THR C 196 -49.48 -20.33 -1.36
N GLN C 197 -48.26 -20.00 -1.80
CA GLN C 197 -47.25 -21.01 -2.08
C GLN C 197 -46.94 -21.79 -0.82
N THR C 198 -47.34 -23.06 -0.77
CA THR C 198 -47.04 -23.90 0.39
C THR C 198 -45.53 -24.13 0.46
N TYR C 199 -44.97 -23.97 1.65
CA TYR C 199 -43.53 -24.00 1.85
C TYR C 199 -43.12 -25.33 2.46
N ILE C 200 -42.14 -25.99 1.84
CA ILE C 200 -41.86 -27.40 2.09
C ILE C 200 -40.35 -27.56 2.21
N CYS C 201 -39.88 -27.99 3.39
CA CYS C 201 -38.47 -28.33 3.51
C CYS C 201 -38.15 -29.63 2.79
N ASN C 202 -36.87 -29.79 2.43
CA ASN C 202 -36.36 -30.97 1.73
C ASN C 202 -34.97 -31.24 2.30
N VAL C 203 -34.91 -32.01 3.37
CA VAL C 203 -33.67 -32.25 4.11
C VAL C 203 -33.16 -33.65 3.78
N ASN C 204 -31.85 -33.78 3.58
CA ASN C 204 -31.27 -35.07 3.26
C ASN C 204 -29.99 -35.29 4.06
N HIS C 205 -29.95 -36.40 4.78
CA HIS C 205 -28.77 -36.83 5.54
C HIS C 205 -28.23 -38.07 4.84
N LYS C 206 -27.24 -37.85 3.96
CA LYS C 206 -26.67 -38.92 3.15
C LYS C 206 -26.19 -40.12 3.98
N PRO C 207 -25.49 -39.93 5.11
CA PRO C 207 -25.07 -41.11 5.90
C PRO C 207 -26.20 -42.04 6.35
N SER C 208 -27.20 -41.51 7.06
CA SER C 208 -28.33 -42.27 7.55
C SER C 208 -29.27 -42.57 6.41
N ASN C 209 -29.04 -41.87 5.30
CA ASN C 209 -29.75 -42.05 4.06
C ASN C 209 -31.22 -41.74 4.40
N THR C 210 -31.39 -40.57 5.06
CA THR C 210 -32.62 -40.05 5.64
C THR C 210 -33.02 -38.85 4.79
N LYS C 211 -34.08 -39.00 4.01
CA LYS C 211 -34.61 -37.93 3.19
C LYS C 211 -36.02 -37.62 3.68
N VAL C 212 -36.19 -36.45 4.28
CA VAL C 212 -37.47 -36.02 4.84
C VAL C 212 -37.86 -34.71 4.18
N ASP C 213 -39.00 -34.72 3.48
CA ASP C 213 -39.59 -33.52 2.90
C ASP C 213 -40.74 -33.12 3.81
N LYS C 214 -40.52 -32.10 4.64
CA LYS C 214 -41.45 -31.78 5.71
C LYS C 214 -41.97 -30.36 5.52
N LYS C 215 -43.29 -30.24 5.51
CA LYS C 215 -44.00 -29.02 5.16
C LYS C 215 -44.21 -28.19 6.41
N VAL C 216 -44.06 -26.87 6.28
CA VAL C 216 -44.26 -25.96 7.41
C VAL C 216 -45.52 -25.15 7.15
N GLU C 217 -46.45 -25.19 8.10
CA GLU C 217 -47.72 -24.54 7.94
C GLU C 217 -48.04 -23.70 9.18
N PRO C 218 -48.85 -22.63 9.02
CA PRO C 218 -49.27 -21.78 10.14
C PRO C 218 -49.84 -22.58 11.31
N THR D 15 -12.85 -7.29 -41.22
CA THR D 15 -13.80 -8.39 -41.15
C THR D 15 -15.06 -7.98 -40.37
N ASN D 16 -15.01 -7.89 -39.06
CA ASN D 16 -16.00 -7.14 -38.30
C ASN D 16 -15.36 -6.04 -37.48
N LEU D 17 -16.17 -5.53 -36.57
CA LEU D 17 -16.04 -4.20 -36.03
C LEU D 17 -15.18 -4.33 -34.79
N CYS D 18 -14.04 -3.64 -34.77
CA CYS D 18 -13.10 -3.78 -33.66
C CYS D 18 -13.84 -3.66 -32.32
N PRO D 19 -13.58 -4.54 -31.36
CA PRO D 19 -14.26 -4.43 -30.07
C PRO D 19 -13.71 -3.27 -29.24
N PHE D 20 -13.50 -2.12 -29.90
CA PHE D 20 -13.19 -0.89 -29.18
C PHE D 20 -14.21 -0.64 -28.08
N GLY D 21 -15.45 -1.10 -28.28
CA GLY D 21 -16.50 -0.86 -27.31
C GLY D 21 -16.19 -1.45 -25.94
N GLU D 22 -15.77 -2.72 -25.90
CA GLU D 22 -15.59 -3.37 -24.60
C GLU D 22 -14.46 -2.73 -23.81
N VAL D 23 -13.41 -2.28 -24.50
CA VAL D 23 -12.33 -1.55 -23.83
C VAL D 23 -12.90 -0.38 -23.05
N PHE D 24 -13.65 0.47 -23.75
CA PHE D 24 -14.24 1.66 -23.13
C PHE D 24 -15.43 1.33 -22.23
N ASN D 25 -15.87 0.07 -22.16
CA ASN D 25 -16.98 -0.33 -21.29
C ASN D 25 -16.63 -1.52 -20.41
N ALA D 26 -15.36 -1.71 -20.07
CA ALA D 26 -15.03 -2.76 -19.11
C ALA D 26 -15.71 -2.47 -17.79
N THR D 27 -16.51 -3.43 -17.31
CA THR D 27 -17.15 -3.29 -16.00
C THR D 27 -16.15 -2.88 -14.92
N ARG D 28 -14.89 -3.25 -15.08
CA ARG D 28 -13.86 -3.06 -14.09
C ARG D 28 -12.52 -2.81 -14.80
N PHE D 29 -11.74 -1.89 -14.25
CA PHE D 29 -10.57 -1.31 -14.90
C PHE D 29 -9.35 -1.47 -14.02
N ALA D 30 -8.17 -1.34 -14.62
CA ALA D 30 -6.92 -1.61 -13.94
C ALA D 30 -6.37 -0.37 -13.24
N SER D 31 -5.61 -0.60 -12.17
CA SER D 31 -4.84 0.49 -11.58
C SER D 31 -3.69 0.86 -12.51
N VAL D 32 -3.18 2.09 -12.31
CA VAL D 32 -2.20 2.60 -13.26
C VAL D 32 -0.90 1.80 -13.21
N TYR D 33 -0.56 1.23 -12.05
CA TYR D 33 0.67 0.45 -11.99
C TYR D 33 0.56 -0.85 -12.80
N ALA D 34 -0.60 -1.10 -13.43
CA ALA D 34 -0.83 -2.28 -14.26
C ALA D 34 -1.67 -1.85 -15.48
N TRP D 35 -1.03 -1.19 -16.43
CA TRP D 35 -1.74 -0.82 -17.66
C TRP D 35 -2.02 -2.07 -18.48
N ASN D 36 -3.31 -2.34 -18.72
CA ASN D 36 -3.77 -3.59 -19.32
C ASN D 36 -3.94 -3.40 -20.82
N ARG D 37 -2.88 -3.68 -21.57
CA ARG D 37 -2.90 -3.51 -23.01
C ARG D 37 -3.73 -4.57 -23.72
N LYS D 38 -4.60 -4.11 -24.61
CA LYS D 38 -5.23 -4.91 -25.64
C LYS D 38 -4.40 -4.90 -26.92
N ARG D 39 -4.46 -6.00 -27.67
CA ARG D 39 -3.89 -6.04 -29.03
C ARG D 39 -5.04 -5.96 -30.03
N ILE D 40 -5.49 -4.72 -30.29
CA ILE D 40 -6.42 -4.47 -31.38
C ILE D 40 -5.72 -4.78 -32.70
N SER D 41 -6.17 -5.83 -33.37
CA SER D 41 -5.52 -6.27 -34.61
C SER D 41 -6.56 -6.85 -35.55
N ASN D 42 -6.32 -6.64 -36.86
CA ASN D 42 -7.15 -7.19 -37.93
C ASN D 42 -8.64 -7.07 -37.65
N CYS D 43 -9.18 -5.85 -37.72
CA CYS D 43 -10.61 -5.64 -37.53
C CYS D 43 -10.99 -4.34 -38.24
N VAL D 44 -12.19 -3.83 -37.94
CA VAL D 44 -12.76 -2.69 -38.65
C VAL D 44 -12.76 -1.49 -37.72
N ALA D 45 -12.12 -0.40 -38.16
CA ALA D 45 -11.90 0.76 -37.31
C ALA D 45 -13.12 1.66 -37.27
N ASP D 46 -13.69 1.80 -36.08
CA ASP D 46 -14.75 2.78 -35.82
C ASP D 46 -14.22 4.20 -35.98
N TYR D 47 -13.12 4.48 -35.29
CA TYR D 47 -12.46 5.75 -35.00
C TYR D 47 -13.39 6.94 -34.88
N SER D 48 -13.73 7.57 -36.02
CA SER D 48 -14.46 8.83 -36.00
C SER D 48 -15.73 8.75 -35.15
N VAL D 49 -16.28 7.56 -34.97
CA VAL D 49 -17.51 7.45 -34.18
C VAL D 49 -17.26 7.79 -32.72
N LEU D 50 -16.02 7.63 -32.24
CA LEU D 50 -15.76 7.82 -30.82
C LEU D 50 -15.92 9.27 -30.39
N TYR D 51 -15.52 10.23 -31.22
CA TYR D 51 -15.55 11.59 -30.72
C TYR D 51 -16.85 12.29 -31.11
N ASN D 52 -17.69 11.60 -31.91
CA ASN D 52 -19.14 11.83 -31.82
C ASN D 52 -19.65 11.49 -30.44
N SER D 53 -19.04 10.50 -29.79
CA SER D 53 -19.32 10.21 -28.38
C SER D 53 -18.48 11.13 -27.50
N ALA D 54 -18.65 12.45 -27.70
CA ALA D 54 -17.84 13.46 -27.02
C ALA D 54 -18.18 13.57 -25.54
N SER D 55 -18.84 12.54 -24.99
CA SER D 55 -19.01 12.44 -23.54
C SER D 55 -17.67 12.29 -22.83
N PHE D 56 -16.58 12.17 -23.58
CA PHE D 56 -15.23 12.22 -23.04
C PHE D 56 -14.97 13.62 -22.48
N SER D 57 -14.19 13.70 -21.41
CA SER D 57 -13.70 15.00 -20.99
C SER D 57 -12.41 15.40 -21.67
N THR D 58 -11.67 14.46 -22.26
CA THR D 58 -10.43 14.79 -22.95
C THR D 58 -10.18 13.75 -24.03
N PHE D 59 -10.23 14.18 -25.30
CA PHE D 59 -9.94 13.26 -26.40
C PHE D 59 -8.76 13.85 -27.16
N LYS D 60 -7.56 13.89 -26.61
CA LYS D 60 -6.51 14.49 -27.41
C LYS D 60 -5.92 13.47 -28.38
N CYS D 61 -5.47 13.98 -29.52
CA CYS D 61 -4.69 13.21 -30.48
C CYS D 61 -3.37 13.94 -30.74
N TYR D 62 -2.31 13.42 -30.16
CA TYR D 62 -0.96 13.74 -30.51
C TYR D 62 -0.57 13.11 -31.84
N GLY D 63 -1.57 12.73 -32.64
CA GLY D 63 -1.42 12.21 -33.98
C GLY D 63 -2.40 12.91 -34.90
N VAL D 64 -2.62 12.36 -36.09
CA VAL D 64 -3.45 13.03 -37.09
C VAL D 64 -4.90 12.97 -36.63
N SER D 65 -5.76 13.79 -37.23
CA SER D 65 -7.15 13.91 -36.79
C SER D 65 -7.85 12.55 -36.80
N PRO D 66 -8.78 12.33 -35.86
CA PRO D 66 -9.57 11.08 -35.91
C PRO D 66 -10.29 10.87 -37.22
N THR D 67 -10.79 11.96 -37.81
CA THR D 67 -11.57 11.91 -39.04
C THR D 67 -10.75 11.26 -40.14
N LYS D 68 -9.80 12.03 -40.68
CA LYS D 68 -8.54 11.51 -41.20
C LYS D 68 -8.20 10.08 -40.80
N LEU D 69 -8.26 9.73 -39.49
CA LEU D 69 -7.50 8.55 -39.04
C LEU D 69 -8.36 7.27 -39.23
N ASN D 70 -9.66 7.40 -39.17
CA ASN D 70 -10.63 6.46 -39.78
C ASN D 70 -10.53 6.37 -41.28
N ASP D 71 -9.53 7.00 -41.83
CA ASP D 71 -9.17 6.82 -43.21
C ASP D 71 -7.75 6.28 -43.41
N LEU D 72 -7.06 5.86 -42.34
CA LEU D 72 -5.67 5.40 -42.41
C LEU D 72 -5.51 3.93 -42.00
N CYS D 73 -4.41 3.34 -42.47
CA CYS D 73 -4.14 1.91 -42.32
C CYS D 73 -2.74 1.69 -41.76
N PHE D 74 -2.61 0.71 -40.88
CA PHE D 74 -1.38 0.41 -40.15
C PHE D 74 -1.50 -0.91 -39.38
N THR D 75 -0.35 -1.38 -38.89
CA THR D 75 -0.12 -2.78 -38.53
C THR D 75 -0.94 -3.25 -37.34
N ASN D 76 -0.57 -2.90 -36.11
CA ASN D 76 -1.44 -3.13 -34.97
C ASN D 76 -1.79 -1.85 -34.25
N VAL D 77 -2.86 -1.95 -33.45
CA VAL D 77 -3.28 -0.93 -32.51
C VAL D 77 -3.20 -1.54 -31.12
N TYR D 78 -2.57 -0.84 -30.19
CA TYR D 78 -2.45 -1.29 -28.81
C TYR D 78 -3.22 -0.32 -27.91
N ALA D 79 -4.26 -0.84 -27.25
CA ALA D 79 -5.15 -0.04 -26.41
C ALA D 79 -4.77 -0.24 -24.95
N ASP D 80 -4.26 0.82 -24.33
CA ASP D 80 -3.74 0.80 -22.97
C ASP D 80 -4.73 1.55 -22.09
N SER D 81 -5.19 0.94 -21.00
CA SER D 81 -6.24 1.59 -20.20
C SER D 81 -5.92 1.45 -18.72
N PHE D 82 -6.55 2.35 -17.93
CA PHE D 82 -6.05 2.57 -16.58
C PHE D 82 -6.80 3.75 -15.93
N VAL D 83 -6.89 3.77 -14.60
CA VAL D 83 -7.71 4.73 -13.88
C VAL D 83 -6.80 5.63 -13.07
N ILE D 84 -6.92 6.94 -13.27
CA ILE D 84 -6.08 7.91 -12.59
C ILE D 84 -6.98 8.99 -12.00
N ARG D 85 -6.36 9.90 -11.26
CA ARG D 85 -7.07 10.97 -10.60
C ARG D 85 -7.13 12.15 -11.55
N GLY D 86 -8.18 12.96 -11.44
CA GLY D 86 -8.43 14.01 -12.43
C GLY D 86 -7.27 14.95 -12.63
N ASP D 87 -6.61 15.34 -11.55
CA ASP D 87 -5.46 16.25 -11.61
C ASP D 87 -4.39 15.70 -12.54
N GLU D 88 -4.33 14.38 -12.64
CA GLU D 88 -3.25 13.63 -13.23
C GLU D 88 -3.51 13.27 -14.68
N VAL D 89 -4.77 13.42 -15.12
CA VAL D 89 -5.15 13.25 -16.51
C VAL D 89 -4.17 13.97 -17.41
N ARG D 90 -3.72 15.15 -16.98
CA ARG D 90 -2.75 15.94 -17.72
C ARG D 90 -1.46 15.15 -17.97
N GLN D 91 -0.94 14.48 -16.94
CA GLN D 91 0.35 13.80 -17.03
C GLN D 91 0.44 12.82 -18.19
N ILE D 92 -0.71 12.41 -18.74
CA ILE D 92 -0.73 11.37 -19.77
C ILE D 92 -0.51 12.03 -21.12
N ALA D 93 0.74 12.44 -21.38
CA ALA D 93 1.07 13.17 -22.59
C ALA D 93 2.58 13.12 -22.76
N PRO D 94 3.07 13.14 -24.00
CA PRO D 94 4.52 13.01 -24.20
C PRO D 94 5.28 14.04 -23.38
N GLY D 95 6.37 13.56 -22.78
CA GLY D 95 7.23 14.34 -21.92
C GLY D 95 6.57 15.17 -20.82
N GLN D 96 5.35 14.87 -20.38
CA GLN D 96 4.84 15.73 -19.33
C GLN D 96 5.80 15.35 -18.19
N THR D 97 5.84 16.02 -17.06
CA THR D 97 6.47 15.20 -16.03
C THR D 97 5.56 15.08 -14.81
N GLY D 98 5.89 14.10 -13.97
CA GLY D 98 5.19 13.97 -12.72
C GLY D 98 5.27 12.56 -12.17
N LYS D 99 4.56 12.36 -11.06
CA LYS D 99 4.50 11.08 -10.37
C LYS D 99 4.02 9.97 -11.30
N ILE D 100 2.81 10.12 -11.83
CA ILE D 100 2.22 9.09 -12.69
C ILE D 100 3.10 8.85 -13.91
N ALA D 101 3.43 9.92 -14.62
CA ALA D 101 4.18 9.77 -15.87
C ALA D 101 5.55 9.14 -15.64
N ASP D 102 6.34 9.71 -14.73
CA ASP D 102 7.70 9.22 -14.55
C ASP D 102 7.74 7.85 -13.88
N TYR D 103 6.78 7.55 -13.00
CA TYR D 103 6.87 6.36 -12.16
C TYR D 103 5.68 5.41 -12.33
N ASN D 104 4.88 5.55 -13.40
CA ASN D 104 3.83 4.57 -13.66
C ASN D 104 3.63 4.34 -15.15
N TYR D 105 3.22 5.36 -15.91
CA TYR D 105 2.96 5.22 -17.34
C TYR D 105 3.55 6.40 -18.08
N LYS D 106 4.46 6.16 -19.02
CA LYS D 106 5.06 7.27 -19.74
C LYS D 106 4.90 7.08 -21.24
N LEU D 107 4.21 8.03 -21.87
CA LEU D 107 4.15 8.09 -23.33
C LEU D 107 5.48 8.59 -23.89
N PRO D 108 5.88 8.10 -25.05
CA PRO D 108 7.23 8.39 -25.55
C PRO D 108 7.32 9.73 -26.28
N ASP D 109 8.55 10.04 -26.67
CA ASP D 109 8.95 11.16 -27.51
C ASP D 109 7.98 11.34 -28.66
N ASP D 110 8.19 10.46 -29.63
CA ASP D 110 7.48 10.30 -30.88
C ASP D 110 6.09 9.70 -30.72
N PHE D 111 5.32 10.15 -29.74
CA PHE D 111 3.95 9.67 -29.62
C PHE D 111 3.15 10.15 -30.82
N THR D 112 2.64 9.20 -31.59
CA THR D 112 1.80 9.49 -32.73
C THR D 112 0.35 9.09 -32.51
N GLY D 113 0.01 8.61 -31.32
CA GLY D 113 -1.31 8.10 -31.04
C GLY D 113 -2.25 9.16 -30.49
N CYS D 114 -3.29 8.68 -29.81
CA CYS D 114 -4.30 9.53 -29.19
C CYS D 114 -4.44 9.12 -27.73
N VAL D 115 -4.93 10.04 -26.91
CA VAL D 115 -5.22 9.79 -25.50
C VAL D 115 -6.69 10.14 -25.24
N ILE D 116 -7.43 9.19 -24.68
CA ILE D 116 -8.87 9.33 -24.50
C ILE D 116 -9.16 9.16 -23.02
N ALA D 117 -10.18 9.87 -22.53
CA ALA D 117 -10.47 9.83 -21.10
C ALA D 117 -11.86 10.37 -20.83
N TRP D 118 -12.42 9.99 -19.67
CA TRP D 118 -13.72 10.45 -19.23
C TRP D 118 -13.82 10.29 -17.72
N ASN D 119 -14.66 11.11 -17.10
CA ASN D 119 -14.87 11.01 -15.67
C ASN D 119 -15.65 9.74 -15.34
N SER D 120 -15.34 9.18 -14.17
CA SER D 120 -15.92 7.90 -13.77
C SER D 120 -16.20 7.82 -12.27
N ASN D 121 -16.36 8.97 -11.60
CA ASN D 121 -16.80 9.03 -10.22
C ASN D 121 -18.11 8.28 -9.99
N ASN D 122 -18.88 8.05 -11.05
CA ASN D 122 -20.22 7.53 -10.92
C ASN D 122 -20.19 6.06 -10.50
N LEU D 123 -19.46 5.25 -11.26
CA LEU D 123 -19.31 3.82 -11.06
C LEU D 123 -18.05 3.43 -10.28
N ASP D 124 -16.90 4.07 -10.49
CA ASP D 124 -15.70 3.71 -9.73
C ASP D 124 -15.80 4.09 -8.26
N SER D 125 -16.22 5.32 -7.95
CA SER D 125 -16.20 5.79 -6.57
C SER D 125 -17.29 5.10 -5.74
N LYS D 126 -17.14 5.19 -4.42
CA LYS D 126 -18.10 4.63 -3.48
C LYS D 126 -18.02 5.41 -2.16
N VAL D 127 -19.13 5.40 -1.41
CA VAL D 127 -19.20 6.10 -0.12
C VAL D 127 -18.27 5.44 0.89
N GLY D 128 -17.32 6.22 1.40
CA GLY D 128 -16.23 5.68 2.17
C GLY D 128 -15.00 5.36 1.35
N GLY D 129 -15.11 5.37 0.04
CA GLY D 129 -13.96 5.38 -0.83
C GLY D 129 -13.81 4.09 -1.61
N ASN D 130 -13.27 4.22 -2.82
CA ASN D 130 -12.76 3.09 -3.59
C ASN D 130 -11.24 3.16 -3.57
N TYR D 131 -10.66 2.78 -2.43
CA TYR D 131 -9.22 2.72 -2.27
C TYR D 131 -8.65 1.62 -3.17
N ASN D 132 -9.50 1.01 -3.99
CA ASN D 132 -9.17 -0.17 -4.79
C ASN D 132 -8.14 0.11 -5.88
N TYR D 133 -7.75 1.36 -6.10
CA TYR D 133 -6.80 1.67 -7.16
C TYR D 133 -5.47 2.06 -6.53
N LEU D 134 -4.38 1.83 -7.27
CA LEU D 134 -3.04 1.92 -6.72
C LEU D 134 -2.13 2.70 -7.64
N TYR D 135 -1.15 3.40 -7.05
CA TYR D 135 -0.13 4.11 -7.82
C TYR D 135 1.22 3.88 -7.18
N ARG D 136 2.27 4.00 -8.00
CA ARG D 136 3.64 3.75 -7.55
C ARG D 136 4.21 5.05 -6.98
N LEU D 137 4.24 5.15 -5.65
CA LEU D 137 4.71 6.38 -5.02
C LEU D 137 6.22 6.51 -5.12
N PHE D 138 6.95 5.42 -4.94
CA PHE D 138 8.41 5.45 -4.88
C PHE D 138 9.00 4.61 -6.01
N ARG D 139 9.97 5.17 -6.72
CA ARG D 139 10.79 4.42 -7.65
C ARG D 139 12.18 5.03 -7.72
N LYS D 140 13.20 4.16 -7.68
CA LYS D 140 14.57 4.66 -7.69
C LYS D 140 14.90 5.40 -8.98
N SER D 141 14.27 5.03 -10.09
CA SER D 141 14.55 5.68 -11.36
C SER D 141 13.26 6.00 -12.08
N ASN D 142 13.39 6.80 -13.15
CA ASN D 142 12.28 7.12 -14.02
C ASN D 142 12.04 5.98 -15.00
N LEU D 143 10.79 5.84 -15.42
CA LEU D 143 10.37 4.71 -16.23
C LEU D 143 10.65 4.97 -17.71
N LYS D 144 11.36 4.05 -18.35
CA LYS D 144 11.48 4.06 -19.80
C LYS D 144 10.09 4.02 -20.41
N PRO D 145 9.91 4.62 -21.59
CA PRO D 145 8.57 4.68 -22.18
C PRO D 145 7.97 3.30 -22.36
N PHE D 146 6.67 3.20 -22.10
CA PHE D 146 5.91 1.97 -22.32
C PHE D 146 6.49 0.80 -21.52
N GLU D 147 6.75 1.03 -20.25
CA GLU D 147 7.05 -0.07 -19.33
C GLU D 147 6.09 -0.10 -18.16
N ARG D 148 6.02 -1.28 -17.55
CA ARG D 148 5.18 -1.57 -16.40
C ARG D 148 6.07 -2.16 -15.31
N ASP D 149 5.87 -1.69 -14.08
CA ASP D 149 6.61 -2.20 -12.94
C ASP D 149 5.57 -2.75 -11.97
N ILE D 150 5.43 -4.07 -11.89
CA ILE D 150 4.44 -4.67 -11.02
C ILE D 150 5.03 -4.98 -9.65
N SER D 151 6.30 -4.64 -9.44
CA SER D 151 7.03 -5.02 -8.24
C SER D 151 6.41 -4.41 -6.99
N THR D 152 6.18 -5.24 -5.99
CA THR D 152 5.73 -4.80 -4.68
C THR D 152 6.87 -4.77 -3.66
N GLU D 153 8.11 -4.79 -4.13
CA GLU D 153 9.26 -4.91 -3.26
C GLU D 153 9.40 -3.66 -2.41
N ILE D 154 9.56 -3.86 -1.09
CA ILE D 154 9.73 -2.75 -0.16
C ILE D 154 10.88 -1.85 -0.65
N TYR D 155 10.71 -0.55 -0.46
CA TYR D 155 11.66 0.44 -0.95
C TYR D 155 12.84 0.59 0.01
N GLN D 156 14.05 0.46 -0.52
CA GLN D 156 15.26 0.70 0.27
C GLN D 156 15.54 2.21 0.29
N ALA D 157 14.80 2.90 1.15
CA ALA D 157 14.95 4.35 1.29
C ALA D 157 16.12 4.73 2.18
N GLY D 158 17.23 4.03 2.09
CA GLY D 158 18.36 4.31 2.94
C GLY D 158 19.37 3.18 2.91
N SER D 159 20.43 3.37 3.70
CA SER D 159 21.53 2.41 3.71
C SER D 159 21.11 1.09 4.36
N THR D 160 20.38 1.16 5.47
CA THR D 160 19.90 -0.05 6.13
C THR D 160 19.03 -0.86 5.17
N PRO D 161 19.45 -2.07 4.78
CA PRO D 161 18.62 -2.86 3.86
C PRO D 161 17.33 -3.28 4.53
N CYS D 162 16.24 -3.25 3.75
CA CYS D 162 14.93 -3.52 4.32
C CYS D 162 14.73 -4.98 4.64
N ASN D 163 15.29 -5.87 3.82
CA ASN D 163 15.13 -7.32 3.98
C ASN D 163 13.66 -7.71 3.97
N GLY D 164 12.87 -7.03 3.15
CA GLY D 164 11.48 -7.36 2.94
C GLY D 164 10.53 -6.96 4.05
N VAL D 165 10.92 -6.03 4.91
CA VAL D 165 10.16 -5.69 6.10
C VAL D 165 9.81 -4.21 6.04
N GLU D 166 8.57 -3.88 6.36
CA GLU D 166 8.16 -2.48 6.38
C GLU D 166 8.73 -1.79 7.62
N GLY D 167 9.14 -0.54 7.46
CA GLY D 167 9.70 0.19 8.58
C GLY D 167 10.17 1.57 8.18
N PHE D 168 10.99 2.18 9.04
CA PHE D 168 11.56 3.47 8.73
C PHE D 168 12.60 3.33 7.63
N ASN D 169 12.61 4.30 6.70
CA ASN D 169 13.46 4.24 5.51
C ASN D 169 13.22 2.94 4.74
N CYS D 170 12.04 2.36 4.90
CA CYS D 170 11.68 1.09 4.28
C CYS D 170 10.16 1.05 4.15
N TYR D 171 9.65 1.60 3.05
CA TYR D 171 8.21 1.74 2.86
C TYR D 171 7.74 1.01 1.60
N PHE D 172 6.44 0.74 1.57
CA PHE D 172 5.82 0.03 0.45
C PHE D 172 5.82 0.93 -0.79
N PRO D 173 6.16 0.39 -1.97
CA PRO D 173 6.30 1.23 -3.16
C PRO D 173 4.97 1.70 -3.75
N LEU D 174 3.84 1.28 -3.19
CA LEU D 174 2.54 1.46 -3.81
C LEU D 174 1.55 2.01 -2.80
N GLN D 175 0.71 2.96 -3.23
CA GLN D 175 -0.27 3.58 -2.38
C GLN D 175 -1.62 3.57 -3.07
N SER D 176 -2.69 3.70 -2.29
CA SER D 176 -4.05 3.50 -2.77
C SER D 176 -4.75 4.84 -2.98
N TYR D 177 -5.15 5.11 -4.23
CA TYR D 177 -6.01 6.24 -4.57
C TYR D 177 -7.28 6.20 -3.74
N GLY D 178 -7.47 7.16 -2.83
CA GLY D 178 -8.72 7.21 -2.10
C GLY D 178 -9.78 8.04 -2.79
N PHE D 179 -10.55 7.41 -3.69
CA PHE D 179 -11.55 8.12 -4.49
C PHE D 179 -12.88 8.23 -3.72
N GLN D 180 -12.84 8.97 -2.61
CA GLN D 180 -14.06 9.35 -1.91
C GLN D 180 -14.92 10.22 -2.83
N PRO D 181 -16.25 10.06 -2.82
CA PRO D 181 -17.09 10.81 -3.77
C PRO D 181 -17.30 12.28 -3.44
N THR D 182 -17.14 12.71 -2.18
CA THR D 182 -17.34 14.15 -1.93
C THR D 182 -16.18 15.00 -2.45
N ASN D 183 -15.28 14.42 -3.23
CA ASN D 183 -14.11 15.11 -3.75
C ASN D 183 -14.49 15.94 -4.99
N GLY D 184 -13.48 16.56 -5.58
CA GLY D 184 -13.68 17.37 -6.77
C GLY D 184 -12.77 17.03 -7.94
N VAL D 185 -13.38 16.89 -9.12
CA VAL D 185 -12.74 16.69 -10.42
C VAL D 185 -11.30 16.20 -10.36
N GLY D 186 -10.37 17.11 -10.08
CA GLY D 186 -8.97 16.74 -10.02
C GLY D 186 -8.68 15.64 -9.02
N TYR D 187 -9.63 15.32 -8.15
CA TYR D 187 -9.50 14.29 -7.13
C TYR D 187 -10.59 13.23 -7.29
N GLN D 188 -10.98 12.97 -8.54
CA GLN D 188 -12.09 12.10 -8.88
C GLN D 188 -11.65 11.09 -9.93
N PRO D 189 -12.27 9.91 -9.96
CA PRO D 189 -11.84 8.87 -10.90
C PRO D 189 -12.00 9.31 -12.34
N TYR D 190 -10.91 9.21 -13.11
CA TYR D 190 -10.92 9.54 -14.53
C TYR D 190 -10.29 8.38 -15.30
N ARG D 191 -11.15 7.49 -15.82
CA ARG D 191 -10.69 6.39 -16.65
C ARG D 191 -10.04 6.94 -17.92
N VAL D 192 -8.93 6.32 -18.33
CA VAL D 192 -8.17 6.79 -19.48
C VAL D 192 -7.85 5.59 -20.36
N VAL D 193 -7.98 5.77 -21.68
CA VAL D 193 -7.62 4.75 -22.65
C VAL D 193 -6.66 5.39 -23.65
N VAL D 194 -5.41 4.93 -23.66
CA VAL D 194 -4.42 5.41 -24.62
C VAL D 194 -4.41 4.47 -25.82
N LEU D 195 -5.00 4.94 -26.92
CA LEU D 195 -5.08 4.16 -28.16
C LEU D 195 -3.85 4.47 -29.01
N SER D 196 -2.73 3.84 -28.66
CA SER D 196 -1.57 4.00 -29.52
C SER D 196 -1.80 3.26 -30.84
N PHE D 197 -1.04 3.67 -31.85
CA PHE D 197 -1.09 3.05 -33.17
C PHE D 197 0.34 2.77 -33.59
N GLU D 198 0.53 1.72 -34.40
CA GLU D 198 1.83 1.53 -35.07
C GLU D 198 1.70 0.62 -36.28
N ALA D 204 -1.60 -7.21 -41.21
CA ALA D 204 -1.50 -5.76 -41.35
C ALA D 204 -2.84 -5.17 -41.77
N THR D 205 -3.84 -5.21 -40.88
CA THR D 205 -5.24 -4.99 -41.28
C THR D 205 -5.99 -4.20 -40.20
N VAL D 206 -5.63 -2.93 -40.02
CA VAL D 206 -6.39 -2.09 -39.09
C VAL D 206 -6.82 -0.83 -39.83
N CYS D 207 -7.93 -0.92 -40.57
CA CYS D 207 -8.52 0.21 -41.27
C CYS D 207 -9.99 0.30 -40.88
N GLY D 208 -10.67 1.31 -41.42
CA GLY D 208 -12.09 1.49 -41.15
C GLY D 208 -12.81 2.32 -42.20
N PRO E 2 1.57 33.91 -2.82
CA PRO E 2 1.11 32.53 -3.00
C PRO E 2 1.00 31.78 -1.68
N VAL E 3 -0.09 31.97 -0.92
CA VAL E 3 -0.18 31.46 0.43
C VAL E 3 -1.58 30.99 0.77
N LEU E 4 -1.67 30.15 1.79
CA LEU E 4 -2.93 29.76 2.42
C LEU E 4 -3.29 30.83 3.45
N THR E 5 -4.32 30.61 4.25
CA THR E 5 -4.81 31.63 5.19
C THR E 5 -5.14 31.00 6.54
N GLN E 6 -4.27 31.23 7.53
CA GLN E 6 -4.57 30.99 8.93
C GLN E 6 -4.40 32.29 9.73
N PRO E 7 -5.25 32.52 10.72
CA PRO E 7 -5.04 33.65 11.63
C PRO E 7 -3.81 33.42 12.48
N PRO E 8 -3.20 34.48 13.01
CA PRO E 8 -2.13 34.32 14.01
C PRO E 8 -2.65 34.19 15.44
N SER E 9 -3.97 34.29 15.62
CA SER E 9 -4.58 34.40 16.94
C SER E 9 -4.82 33.02 17.53
N ALA E 10 -4.35 32.81 18.76
CA ALA E 10 -4.56 31.55 19.46
C ALA E 10 -4.26 31.68 20.95
N SER E 11 -5.19 31.26 21.81
CA SER E 11 -5.11 31.58 23.23
C SER E 11 -5.86 30.56 24.08
N GLY E 12 -5.15 29.83 24.93
CA GLY E 12 -5.79 28.95 25.89
C GLY E 12 -4.90 28.64 27.07
N THR E 13 -5.53 28.40 28.23
CA THR E 13 -4.83 28.14 29.49
C THR E 13 -4.18 26.76 29.45
N PRO E 14 -3.36 26.40 30.45
CA PRO E 14 -2.71 25.07 30.42
C PRO E 14 -3.73 23.95 30.37
N GLY E 15 -3.49 23.01 29.45
CA GLY E 15 -4.32 21.83 29.35
C GLY E 15 -5.64 22.01 28.63
N GLN E 16 -6.07 23.25 28.35
CA GLN E 16 -7.26 23.41 27.53
C GLN E 16 -7.02 23.02 26.08
N ARG E 17 -7.91 23.47 25.22
CA ARG E 17 -7.96 23.08 23.82
C ARG E 17 -8.13 24.34 22.99
N VAL E 18 -7.41 24.39 21.86
CA VAL E 18 -7.52 25.49 20.90
C VAL E 18 -7.68 24.90 19.52
N THR E 19 -8.17 25.72 18.60
CA THR E 19 -8.41 25.32 17.22
C THR E 19 -7.69 26.29 16.29
N ILE E 20 -6.97 25.75 15.32
CA ILE E 20 -6.24 26.54 14.33
C ILE E 20 -6.88 26.30 12.98
N SER E 21 -7.20 27.39 12.28
CA SER E 21 -7.99 27.35 11.05
C SER E 21 -7.07 27.56 9.86
N CYS E 22 -6.70 26.47 9.19
CA CYS E 22 -5.93 26.57 7.96
C CYS E 22 -6.91 26.60 6.80
N SER E 23 -7.27 27.81 6.38
CA SER E 23 -8.15 27.97 5.23
C SER E 23 -7.32 27.95 3.96
N GLY E 24 -7.32 29.06 3.22
CA GLY E 24 -6.66 29.08 1.91
C GLY E 24 -7.17 27.92 1.09
N SER E 25 -8.45 27.96 0.75
CA SER E 25 -9.21 26.79 0.36
C SER E 25 -9.27 26.58 -1.13
N SER E 26 -8.21 26.96 -1.85
CA SER E 26 -8.14 26.67 -3.28
C SER E 26 -8.52 25.22 -3.53
N SER E 27 -9.43 25.01 -4.49
CA SER E 27 -9.66 23.65 -4.98
C SER E 27 -8.33 22.99 -5.33
N ASN E 28 -7.34 23.83 -5.64
CA ASN E 28 -6.02 23.40 -6.04
C ASN E 28 -5.27 22.79 -4.87
N VAL E 29 -5.55 23.30 -3.66
CA VAL E 29 -5.02 22.77 -2.40
C VAL E 29 -6.15 22.14 -1.60
N GLU E 30 -6.00 22.11 -0.27
CA GLU E 30 -6.91 21.43 0.64
C GLU E 30 -7.03 19.95 0.32
N ASN E 31 -7.62 19.63 -0.84
CA ASN E 31 -7.91 18.23 -1.17
C ASN E 31 -6.65 17.39 -1.28
N ASP E 32 -5.52 18.01 -1.61
CA ASP E 32 -4.34 17.23 -1.99
C ASP E 32 -3.34 17.17 -0.82
N ASN E 33 -3.86 16.74 0.33
CA ASN E 33 -3.11 16.43 1.56
C ASN E 33 -2.43 17.63 2.20
N VAL E 34 -3.02 18.14 3.28
CA VAL E 34 -2.42 19.18 4.10
C VAL E 34 -1.63 18.52 5.23
N ASN E 35 -0.33 18.86 5.30
CA ASN E 35 0.52 18.50 6.42
C ASN E 35 0.73 19.73 7.29
N TRP E 36 0.87 19.52 8.59
CA TRP E 36 1.12 20.60 9.53
C TRP E 36 2.56 20.54 10.00
N PHE E 37 3.01 21.64 10.62
CA PHE E 37 4.40 21.73 11.07
C PHE E 37 4.46 22.61 12.31
N GLN E 38 5.43 22.32 13.18
CA GLN E 38 5.64 23.05 14.43
C GLN E 38 6.97 23.79 14.37
N GLN E 39 7.01 24.99 14.95
CA GLN E 39 8.25 25.76 15.02
C GLN E 39 8.21 26.69 16.22
N GLN E 40 9.37 26.83 16.87
CA GLN E 40 9.56 27.77 17.97
C GLN E 40 10.69 28.73 17.62
N VAL E 41 10.46 30.00 17.92
CA VAL E 41 11.39 31.11 17.67
C VAL E 41 12.23 30.83 16.42
N PRO E 42 11.66 31.04 15.23
CA PRO E 42 12.19 30.44 13.98
C PRO E 42 13.50 29.67 14.06
N GLY E 43 13.45 28.51 14.70
CA GLY E 43 14.59 27.61 14.77
C GLY E 43 14.51 26.48 13.77
N SER E 44 14.04 25.31 14.20
CA SER E 44 13.84 24.16 13.32
C SER E 44 12.37 23.74 13.37
N THR E 45 11.99 22.84 12.46
CA THR E 45 10.59 22.55 12.18
C THR E 45 10.25 21.08 12.31
N PRO E 46 9.79 20.64 13.49
CA PRO E 46 9.20 19.31 13.61
C PRO E 46 7.79 19.25 13.03
N LYS E 47 7.27 18.03 12.92
CA LYS E 47 5.95 17.81 12.35
C LYS E 47 4.99 17.17 13.35
N LEU E 48 3.74 17.60 13.28
CA LEU E 48 2.69 17.04 14.12
C LEU E 48 1.79 16.10 13.31
N VAL E 49 1.07 16.63 12.32
CA VAL E 49 0.04 15.89 11.62
C VAL E 49 0.45 15.62 10.17
N ILE E 50 0.18 14.40 9.70
CA ILE E 50 0.43 13.94 8.34
C ILE E 50 -0.93 13.76 7.67
N TYR E 51 -0.97 13.75 6.33
CA TYR E 51 -2.21 13.49 5.58
C TYR E 51 -3.47 13.96 6.31
N ASN E 52 -3.48 15.25 6.64
CA ASN E 52 -4.65 15.98 7.15
C ASN E 52 -5.30 15.30 8.35
N ASP E 53 -4.61 14.36 9.01
CA ASP E 53 -5.13 13.75 10.23
C ASP E 53 -4.15 12.82 10.93
N ARG E 54 -3.29 12.13 10.18
CA ARG E 54 -2.47 11.08 10.78
C ARG E 54 -1.37 11.63 11.67
N LEU E 55 -1.29 11.09 12.88
CA LEU E 55 -0.42 11.59 13.93
C LEU E 55 0.91 10.84 13.85
N ARG E 56 1.96 11.55 13.45
CA ARG E 56 3.28 10.97 13.21
C ARG E 56 3.77 10.31 14.50
N PRO E 57 4.58 9.23 14.42
CA PRO E 57 5.29 8.75 15.62
C PRO E 57 5.88 9.85 16.50
N SER E 58 5.74 9.63 17.82
CA SER E 58 6.04 10.57 18.90
C SER E 58 5.03 11.71 18.95
N GLY E 59 4.20 11.84 17.91
CA GLY E 59 3.08 12.75 17.95
C GLY E 59 2.19 12.43 19.13
N VAL E 60 2.31 13.22 20.18
CA VAL E 60 1.51 13.09 21.40
C VAL E 60 0.02 13.14 21.09
N PRO E 61 -0.82 12.44 21.88
CA PRO E 61 -2.24 12.36 21.56
C PRO E 61 -3.07 13.59 21.94
N ASP E 62 -2.42 14.67 22.34
CA ASP E 62 -3.12 15.93 22.59
C ASP E 62 -3.20 16.73 21.30
N ARG E 63 -3.25 16.01 20.17
CA ARG E 63 -3.34 16.59 18.84
C ARG E 63 -4.60 16.06 18.16
N PHE E 64 -5.00 16.73 17.08
CA PHE E 64 -6.24 16.42 16.38
C PHE E 64 -6.22 17.14 15.04
N SER E 65 -6.94 16.59 14.07
CA SER E 65 -7.03 17.26 12.77
C SER E 65 -8.39 17.03 12.15
N GLY E 66 -8.84 18.04 11.41
CA GLY E 66 -10.02 17.92 10.60
C GLY E 66 -9.84 18.67 9.31
N SER E 67 -9.53 17.95 8.22
CA SER E 67 -9.57 18.57 6.89
C SER E 67 -11.02 18.65 6.45
N LYS E 68 -11.90 18.85 7.42
CA LYS E 68 -13.33 19.01 7.20
C LYS E 68 -13.63 20.13 6.21
N SER E 69 -14.87 20.24 5.79
CA SER E 69 -15.40 21.41 5.11
C SER E 69 -14.87 21.51 3.69
N GLY E 70 -14.01 20.58 3.27
CA GLY E 70 -13.41 20.60 1.95
C GLY E 70 -12.66 21.88 1.68
N THR E 71 -12.50 22.70 2.72
CA THR E 71 -11.96 24.04 2.57
C THR E 71 -11.00 24.39 3.70
N SER E 72 -11.48 24.28 4.94
CA SER E 72 -10.78 24.80 6.11
C SER E 72 -10.26 23.63 6.95
N ALA E 73 -9.02 23.23 6.69
CA ALA E 73 -8.36 22.26 7.54
C ALA E 73 -8.21 22.81 8.95
N TYR E 74 -8.22 21.92 9.93
CA TYR E 74 -8.12 22.32 11.33
C TYR E 74 -6.99 21.53 11.99
N LEU E 75 -6.46 22.11 13.07
CA LEU E 75 -5.47 21.48 13.92
C LEU E 75 -5.84 21.84 15.36
N ALA E 76 -5.72 20.89 16.28
CA ALA E 76 -6.22 21.13 17.63
C ALA E 76 -5.27 20.53 18.67
N ILE E 77 -4.92 21.36 19.65
CA ILE E 77 -4.06 20.96 20.76
C ILE E 77 -4.99 20.64 21.92
N SER E 78 -5.19 19.34 22.19
CA SER E 78 -6.20 18.94 23.17
C SER E 78 -5.78 19.32 24.59
N GLY E 79 -4.50 19.17 24.91
CA GLY E 79 -3.99 19.56 26.21
C GLY E 79 -2.83 20.54 26.10
N LEU E 80 -3.13 21.82 26.21
CA LEU E 80 -2.11 22.87 26.17
C LEU E 80 -1.06 22.67 27.26
N GLN E 81 -0.01 21.93 26.94
CA GLN E 81 1.18 21.90 27.77
C GLN E 81 2.10 23.04 27.34
N SER E 82 2.79 23.63 28.32
CA SER E 82 3.59 24.83 28.07
C SER E 82 4.58 24.64 26.93
N GLU E 83 5.08 23.42 26.77
CA GLU E 83 6.06 23.06 25.76
C GLU E 83 5.50 23.07 24.34
N ASP E 84 4.18 23.22 24.18
CA ASP E 84 3.55 23.32 22.88
C ASP E 84 3.39 24.76 22.40
N GLU E 85 3.68 25.74 23.24
CA GLU E 85 3.45 27.15 22.91
C GLU E 85 4.43 27.57 21.82
N ALA E 86 3.95 27.71 20.59
CA ALA E 86 4.85 27.89 19.46
C ALA E 86 4.05 28.34 18.24
N ASP E 87 4.73 28.39 17.09
CA ASP E 87 4.12 28.77 15.82
C ASP E 87 3.80 27.53 15.02
N TYR E 88 2.65 27.53 14.38
CA TYR E 88 2.25 26.38 13.59
C TYR E 88 1.89 26.87 12.18
N TYR E 89 2.27 26.07 11.19
CA TYR E 89 2.13 26.43 9.79
C TYR E 89 1.54 25.22 9.06
N CYS E 90 0.63 25.48 8.12
CA CYS E 90 0.06 24.41 7.31
C CYS E 90 0.57 24.51 5.88
N VAL E 91 0.73 23.35 5.24
CA VAL E 91 1.32 23.28 3.91
C VAL E 91 0.55 22.25 3.08
N ALA E 92 0.42 22.54 1.79
CA ALA E 92 -0.20 21.62 0.84
C ALA E 92 0.40 21.89 -0.53
N TRP E 93 -0.09 21.17 -1.54
CA TRP E 93 0.44 21.25 -2.89
C TRP E 93 -0.63 21.82 -3.81
N ASP E 94 -0.36 22.97 -4.40
CA ASP E 94 -1.33 23.68 -5.24
C ASP E 94 -1.04 23.18 -6.65
N ALA E 95 -1.67 22.08 -7.03
CA ALA E 95 -1.28 21.37 -8.26
C ALA E 95 -1.28 22.30 -9.46
N SER E 96 -2.43 22.91 -9.76
CA SER E 96 -2.70 23.74 -10.95
C SER E 96 -1.54 23.78 -11.93
N LEU E 97 -0.71 24.81 -11.78
CA LEU E 97 0.60 24.87 -12.38
C LEU E 97 1.68 25.07 -11.33
N GLN E 98 1.30 25.12 -10.06
CA GLN E 98 2.24 25.53 -9.03
C GLN E 98 2.94 24.35 -8.39
N SER E 99 2.82 24.23 -7.07
CA SER E 99 3.65 23.37 -6.25
C SER E 99 3.32 23.64 -4.78
N TYR E 100 4.02 22.98 -3.86
CA TYR E 100 3.89 23.28 -2.43
C TYR E 100 3.69 24.75 -2.10
N VAL E 101 2.63 25.01 -1.35
CA VAL E 101 2.26 26.34 -0.88
C VAL E 101 2.04 26.24 0.62
N PHE E 102 2.80 27.01 1.40
CA PHE E 102 2.68 26.96 2.85
C PHE E 102 1.50 27.81 3.32
N GLY E 103 1.57 28.32 4.55
CA GLY E 103 0.51 29.16 5.08
C GLY E 103 1.07 30.36 5.83
N THR E 104 0.23 31.10 6.56
CA THR E 104 0.76 32.19 7.37
C THR E 104 1.30 31.57 8.65
N GLY E 105 1.12 32.22 9.78
CA GLY E 105 1.53 31.65 11.06
C GLY E 105 0.45 31.82 12.10
N THR E 106 0.31 30.80 12.96
CA THR E 106 -0.58 30.86 14.12
C THR E 106 0.23 30.62 15.39
N LYS E 107 0.51 31.71 16.12
CA LYS E 107 1.20 31.63 17.41
C LYS E 107 0.21 31.21 18.49
N VAL E 108 0.64 30.31 19.38
CA VAL E 108 -0.23 29.75 20.43
C VAL E 108 0.45 29.88 21.78
N THR E 109 -0.24 30.50 22.75
CA THR E 109 0.17 30.84 24.13
C THR E 109 -1.02 31.40 24.91
N VAL E 110 -0.88 31.42 26.26
CA VAL E 110 -1.64 32.20 27.26
C VAL E 110 -0.96 32.25 28.63
N LEU E 111 -0.60 31.08 29.15
CA LEU E 111 -0.01 30.82 30.47
C LEU E 111 -0.28 31.93 31.51
N ARG E 112 0.43 33.07 31.44
CA ARG E 112 0.14 34.24 32.29
C ARG E 112 -1.19 34.95 32.01
N THR E 113 -1.17 36.29 32.11
CA THR E 113 -2.32 37.18 32.06
C THR E 113 -2.44 37.75 30.65
N VAL E 114 -3.33 38.73 30.46
CA VAL E 114 -3.57 39.34 29.14
C VAL E 114 -3.52 40.86 29.26
N ALA E 115 -3.25 41.51 28.13
CA ALA E 115 -3.07 42.95 28.10
C ALA E 115 -3.30 43.47 26.68
N ALA E 116 -3.30 44.80 26.55
CA ALA E 116 -3.53 45.53 25.31
C ALA E 116 -2.36 46.46 25.01
N PRO E 117 -2.04 46.68 23.74
CA PRO E 117 -0.81 47.42 23.41
C PRO E 117 -0.94 48.92 23.67
N SER E 118 0.21 49.55 23.90
CA SER E 118 0.33 50.99 23.99
C SER E 118 1.24 51.45 22.85
N VAL E 119 0.74 52.34 22.00
CA VAL E 119 1.36 52.65 20.73
C VAL E 119 1.69 54.14 20.69
N PHE E 120 2.96 54.45 20.39
CA PHE E 120 3.42 55.82 20.25
C PHE E 120 4.03 55.97 18.86
N ILE E 121 3.31 56.63 17.96
CA ILE E 121 3.84 56.89 16.63
C ILE E 121 4.79 58.08 16.73
N PHE E 122 5.77 58.14 15.83
CA PHE E 122 6.84 59.12 15.94
C PHE E 122 7.07 59.83 14.60
N PRO E 123 6.92 61.14 14.54
CA PRO E 123 7.22 61.88 13.31
C PRO E 123 8.68 61.71 12.92
N PRO E 124 9.03 61.95 11.66
CA PRO E 124 10.44 61.97 11.28
C PRO E 124 11.18 63.10 11.99
N SER E 125 12.44 62.86 12.30
CA SER E 125 13.23 63.85 13.01
C SER E 125 13.38 65.13 12.20
N ASP E 126 13.47 66.23 12.93
CA ASP E 126 13.99 67.50 12.46
C ASP E 126 15.20 67.24 11.57
N GLU E 127 16.22 66.68 12.21
CA GLU E 127 17.51 66.43 11.57
C GLU E 127 17.37 65.47 10.38
N GLN E 128 16.54 64.45 10.52
CA GLN E 128 16.21 63.56 9.40
C GLN E 128 15.80 64.36 8.18
N LEU E 129 14.80 65.22 8.34
CA LEU E 129 14.32 66.05 7.24
C LEU E 129 15.42 66.99 6.76
N LYS E 130 16.24 67.49 7.69
CA LYS E 130 17.37 68.33 7.33
C LYS E 130 18.30 67.63 6.34
N SER E 131 18.59 66.36 6.59
CA SER E 131 19.39 65.55 5.67
C SER E 131 18.61 65.14 4.44
N GLY E 132 17.28 65.27 4.44
CA GLY E 132 16.48 64.98 3.27
C GLY E 132 15.96 63.56 3.20
N THR E 133 15.65 62.96 4.35
CA THR E 133 15.01 61.65 4.41
C THR E 133 14.00 61.66 5.55
N ALA E 134 13.11 60.68 5.56
CA ALA E 134 12.07 60.63 6.58
C ALA E 134 11.74 59.18 6.93
N SER E 135 11.56 58.93 8.23
CA SER E 135 11.21 57.60 8.73
C SER E 135 10.22 57.77 9.88
N VAL E 136 8.99 57.36 9.66
CA VAL E 136 7.95 57.36 10.70
C VAL E 136 8.08 56.05 11.47
N VAL E 137 7.98 56.14 12.80
CA VAL E 137 8.26 55.01 13.67
C VAL E 137 7.04 54.77 14.57
N CYS E 138 6.51 53.56 14.53
CA CYS E 138 5.33 53.17 15.30
C CYS E 138 5.79 52.13 16.31
N LEU E 139 6.00 52.55 17.55
CA LEU E 139 6.59 51.71 18.58
C LEU E 139 5.50 51.18 19.51
N LEU E 140 5.44 49.86 19.61
CA LEU E 140 4.33 49.15 20.23
C LEU E 140 4.81 48.67 21.60
N ASN E 141 3.96 48.79 22.62
CA ASN E 141 4.45 48.53 23.98
C ASN E 141 3.49 47.66 24.77
N ASN E 142 4.07 46.85 25.67
CA ASN E 142 3.39 46.12 26.72
C ASN E 142 2.11 45.42 26.29
N PHE E 143 2.21 44.28 25.62
CA PHE E 143 1.03 43.50 25.29
C PHE E 143 1.37 42.01 25.32
N TYR E 144 0.41 41.20 25.76
CA TYR E 144 0.71 39.80 26.06
C TYR E 144 0.57 38.87 24.86
N PRO E 145 -0.62 38.75 24.21
CA PRO E 145 -0.67 37.94 22.98
C PRO E 145 0.43 38.39 22.04
N ARG E 146 1.36 37.46 21.82
CA ARG E 146 2.69 37.74 21.34
C ARG E 146 2.67 38.12 19.85
N GLU E 147 1.57 38.68 19.38
CA GLU E 147 1.41 39.00 17.97
C GLU E 147 0.39 40.11 17.77
N ALA E 148 0.65 40.92 16.76
CA ALA E 148 -0.26 41.95 16.25
C ALA E 148 0.25 42.31 14.86
N LYS E 149 -0.61 42.95 14.07
CA LYS E 149 -0.23 43.37 12.73
C LYS E 149 -0.41 44.88 12.63
N VAL E 150 0.48 45.53 11.91
CA VAL E 150 0.49 46.99 11.80
C VAL E 150 -0.08 47.36 10.45
N GLN E 151 -1.00 48.32 10.43
CA GLN E 151 -1.62 48.79 9.19
C GLN E 151 -1.24 50.25 9.03
N TRP E 152 -0.48 50.56 7.98
CA TRP E 152 -0.01 51.92 7.78
C TRP E 152 -1.00 52.64 6.86
N LYS E 153 -1.77 53.57 7.43
CA LYS E 153 -2.83 54.26 6.69
C LYS E 153 -2.40 55.68 6.38
N VAL E 154 -1.99 55.91 5.13
CA VAL E 154 -1.73 57.25 4.62
C VAL E 154 -3.09 57.92 4.44
N ASP E 155 -3.33 59.00 5.20
CA ASP E 155 -4.61 59.70 5.16
C ASP E 155 -5.70 58.72 5.56
N ASN E 156 -6.34 58.14 4.55
CA ASN E 156 -7.30 57.08 4.72
C ASN E 156 -6.96 55.86 3.88
N ALA E 157 -5.98 55.97 2.99
CA ALA E 157 -5.61 54.90 2.07
C ALA E 157 -4.60 53.99 2.75
N LEU E 158 -4.99 52.74 3.01
CA LEU E 158 -4.00 51.77 3.47
C LEU E 158 -2.92 51.62 2.41
N GLN E 159 -1.73 52.14 2.70
CA GLN E 159 -0.62 52.11 1.78
C GLN E 159 0.55 51.42 2.47
N SER E 160 1.11 50.41 1.81
CA SER E 160 2.19 49.63 2.38
C SER E 160 3.29 49.44 1.35
N GLY E 161 3.78 50.56 0.79
CA GLY E 161 4.83 50.54 -0.20
C GLY E 161 6.04 49.73 0.24
N ASN E 162 6.77 50.23 1.23
CA ASN E 162 7.95 49.55 1.73
C ASN E 162 8.04 49.70 3.25
N SER E 163 6.92 49.47 3.94
CA SER E 163 6.88 49.44 5.39
C SER E 163 7.52 48.17 5.93
N GLN E 164 8.19 48.29 7.06
CA GLN E 164 8.83 47.14 7.67
C GLN E 164 8.50 47.11 9.16
N GLU E 165 8.80 45.96 9.75
CA GLU E 165 8.17 45.49 10.97
C GLU E 165 8.47 44.04 11.31
N SER E 166 8.70 43.85 12.61
CA SER E 166 9.41 42.73 13.21
C SER E 166 8.62 42.35 14.45
N VAL E 167 8.44 41.05 14.69
CA VAL E 167 7.65 40.62 15.83
C VAL E 167 8.64 40.39 16.96
N THR E 168 8.82 41.40 17.80
CA THR E 168 9.89 41.34 18.78
C THR E 168 9.39 40.54 19.98
N GLU E 169 10.12 40.65 21.08
CA GLU E 169 9.92 39.75 22.20
C GLU E 169 9.80 40.49 23.52
N GLN E 170 10.37 39.91 24.57
CA GLN E 170 10.07 40.20 25.96
C GLN E 170 10.50 41.64 26.29
N ASP E 171 10.00 42.17 27.41
CA ASP E 171 10.52 43.42 27.95
C ASP E 171 11.35 43.10 29.20
N SER E 172 11.67 44.12 29.99
CA SER E 172 12.02 43.88 31.39
C SER E 172 10.96 43.00 32.02
N LYS E 173 9.73 43.25 31.62
CA LYS E 173 8.52 42.50 31.94
C LYS E 173 8.61 41.24 31.08
N ASP E 174 9.31 40.24 31.59
CA ASP E 174 9.58 39.05 30.80
C ASP E 174 8.26 38.38 30.44
N SER E 175 8.11 38.03 29.15
CA SER E 175 6.96 37.37 28.54
C SER E 175 5.88 38.37 28.20
N THR E 176 6.21 39.65 28.27
CA THR E 176 5.31 40.74 27.93
C THR E 176 5.88 41.35 26.65
N TYR E 177 5.35 40.93 25.52
CA TYR E 177 5.94 41.23 24.23
C TYR E 177 5.58 42.64 23.77
N SER E 178 6.40 43.18 22.86
CA SER E 178 6.22 44.49 22.27
C SER E 178 6.81 44.43 20.87
N LEU E 179 6.47 45.40 20.01
CA LEU E 179 6.85 45.28 18.61
C LEU E 179 7.26 46.65 18.06
N SER E 180 7.70 46.68 16.79
CA SER E 180 8.16 47.91 16.17
C SER E 180 7.86 47.90 14.68
N SER E 181 7.37 49.02 14.16
CA SER E 181 7.04 49.17 12.74
C SER E 181 7.55 50.51 12.21
N THR E 182 8.00 50.51 10.95
CA THR E 182 8.67 51.65 10.33
C THR E 182 8.13 51.90 8.93
N LEU E 183 8.00 53.19 8.55
CA LEU E 183 7.78 53.59 7.17
C LEU E 183 8.92 54.45 6.66
N THR E 184 9.55 54.01 5.57
CA THR E 184 10.45 54.85 4.81
C THR E 184 9.67 55.68 3.80
N LEU E 185 9.77 57.00 3.94
CA LEU E 185 9.10 57.98 3.10
C LEU E 185 10.16 58.93 2.57
N SER E 186 10.04 59.35 1.31
CA SER E 186 10.93 60.43 0.90
C SER E 186 10.50 61.71 1.62
N LYS E 187 11.37 62.72 1.58
CA LYS E 187 11.05 63.98 2.25
C LYS E 187 9.72 64.52 1.75
N ALA E 188 9.53 64.52 0.42
CA ALA E 188 8.33 65.11 -0.17
C ALA E 188 7.07 64.34 0.22
N ASP E 189 7.11 63.01 0.13
CA ASP E 189 5.93 62.20 0.44
C ASP E 189 5.38 62.52 1.82
N TYR E 190 6.28 62.81 2.78
CA TYR E 190 5.82 63.15 4.12
C TYR E 190 4.90 64.38 4.07
N GLU E 191 5.36 65.49 3.46
CA GLU E 191 4.46 66.64 3.32
C GLU E 191 3.37 66.40 2.31
N LYS E 192 3.52 65.42 1.42
CA LYS E 192 2.57 65.33 0.33
C LYS E 192 1.15 65.10 0.81
N HIS E 193 0.98 64.74 2.07
CA HIS E 193 -0.29 64.36 2.64
C HIS E 193 -0.50 65.15 3.92
N LYS E 194 -1.66 64.98 4.53
CA LYS E 194 -2.04 65.81 5.67
C LYS E 194 -2.17 65.05 6.98
N VAL E 195 -2.60 63.80 6.96
CA VAL E 195 -2.63 62.96 8.14
C VAL E 195 -2.02 61.61 7.80
N TYR E 196 -1.35 61.02 8.78
CA TYR E 196 -0.81 59.68 8.68
C TYR E 196 -1.33 58.92 9.88
N ALA E 197 -1.33 57.59 9.83
CA ALA E 197 -1.94 56.84 10.92
C ALA E 197 -1.33 55.45 11.01
N CYS E 198 -1.19 54.94 12.23
CA CYS E 198 -0.65 53.61 12.50
C CYS E 198 -1.69 52.77 13.22
N GLU E 199 -2.10 51.68 12.59
CA GLU E 199 -3.13 50.79 13.11
C GLU E 199 -2.49 49.49 13.57
N VAL E 200 -2.87 49.02 14.76
CA VAL E 200 -2.24 47.85 15.38
C VAL E 200 -3.37 46.87 15.71
N THR E 201 -3.62 45.93 14.81
CA THR E 201 -4.56 44.85 15.07
C THR E 201 -4.00 43.86 16.08
N HIS E 202 -4.25 44.10 17.36
CA HIS E 202 -3.88 43.11 18.37
C HIS E 202 -4.63 41.81 18.11
N GLN E 203 -3.93 40.67 18.21
CA GLN E 203 -4.58 39.37 18.00
C GLN E 203 -5.94 39.29 18.67
N GLY E 204 -5.90 39.14 20.00
CA GLY E 204 -7.07 38.80 20.75
C GLY E 204 -7.97 39.98 21.03
N LEU E 205 -7.92 41.01 20.18
CA LEU E 205 -8.65 42.23 20.52
C LEU E 205 -8.78 43.11 19.28
N SER E 206 -9.07 44.39 19.46
CA SER E 206 -9.37 45.28 18.35
C SER E 206 -8.12 46.06 17.91
N SER E 207 -8.30 47.20 17.25
CA SER E 207 -7.25 47.86 16.48
C SER E 207 -6.99 49.27 16.95
N PRO E 208 -6.10 49.47 17.93
CA PRO E 208 -5.69 50.84 18.28
C PRO E 208 -5.03 51.53 17.10
N VAL E 209 -5.44 52.78 16.86
CA VAL E 209 -4.93 53.60 15.77
C VAL E 209 -4.28 54.83 16.38
N THR E 210 -3.08 55.17 15.90
CA THR E 210 -2.44 56.42 16.26
C THR E 210 -1.89 57.07 15.00
N LYS E 211 -1.93 58.39 14.99
CA LYS E 211 -2.04 59.21 13.80
C LYS E 211 -1.06 60.37 13.92
N SER E 212 -0.49 60.78 12.79
CA SER E 212 0.52 61.83 12.82
C SER E 212 0.13 62.98 11.90
N PHE E 213 0.91 64.05 11.96
CA PHE E 213 0.63 65.24 11.17
C PHE E 213 1.89 65.60 10.40
N ASN E 214 1.96 66.79 9.82
CA ASN E 214 3.24 67.27 9.31
C ASN E 214 3.37 68.77 9.56
N VAL F 2 21.52 9.51 9.53
CA VAL F 2 20.17 9.41 10.08
C VAL F 2 19.74 10.80 10.54
N GLN F 3 20.64 11.77 10.30
CA GLN F 3 20.33 13.20 10.41
C GLN F 3 20.70 13.86 9.08
N LEU F 4 20.36 15.14 8.98
CA LEU F 4 20.69 15.93 7.81
C LEU F 4 21.37 17.20 8.30
N VAL F 5 22.39 17.68 7.59
CA VAL F 5 23.12 18.89 7.99
C VAL F 5 23.50 19.70 6.74
N GLU F 6 23.13 20.98 6.74
CA GLU F 6 23.44 21.88 5.64
C GLU F 6 24.72 22.64 5.92
N SER F 7 25.27 23.26 4.87
CA SER F 7 26.42 24.14 5.01
C SER F 7 26.60 24.92 3.71
N GLY F 8 27.11 26.15 3.85
CA GLY F 8 27.45 26.95 2.69
C GLY F 8 27.05 28.42 2.78
N GLY F 9 25.96 28.71 3.48
CA GLY F 9 25.42 30.05 3.48
C GLY F 9 26.25 31.03 4.31
N GLY F 10 26.27 32.28 3.86
CA GLY F 10 26.96 33.34 4.55
C GLY F 10 26.46 34.71 4.14
N LEU F 11 27.20 35.40 3.27
CA LEU F 11 26.78 36.68 2.72
C LEU F 11 27.25 36.76 1.26
N VAL F 12 26.37 37.30 0.41
CA VAL F 12 26.71 37.57 -0.99
C VAL F 12 26.07 38.88 -1.40
N GLN F 13 26.76 39.61 -2.29
CA GLN F 13 26.29 40.85 -2.87
C GLN F 13 25.25 40.51 -3.94
N PRO F 14 24.17 41.31 -4.06
CA PRO F 14 23.09 40.95 -5.00
C PRO F 14 23.61 40.65 -6.39
N GLY F 15 22.97 39.69 -7.06
CA GLY F 15 23.40 39.21 -8.34
C GLY F 15 24.53 38.20 -8.31
N GLY F 16 24.99 37.80 -7.12
CA GLY F 16 26.09 36.88 -6.99
C GLY F 16 25.72 35.43 -7.23
N SER F 17 26.49 34.52 -6.64
CA SER F 17 26.22 33.09 -6.75
C SER F 17 26.77 32.36 -5.54
N LEU F 18 25.97 31.44 -5.00
CA LEU F 18 26.32 30.63 -3.82
C LEU F 18 25.73 29.24 -4.00
N ARG F 19 26.29 28.26 -3.28
CA ARG F 19 25.69 26.93 -3.21
C ARG F 19 25.43 26.54 -1.76
N LEU F 20 24.38 25.73 -1.56
CA LEU F 20 24.09 25.09 -0.28
C LEU F 20 24.16 23.57 -0.43
N SER F 21 25.18 22.98 0.21
CA SER F 21 25.33 21.53 0.29
C SER F 21 24.63 21.04 1.56
N CYS F 22 23.55 20.29 1.39
CA CYS F 22 22.94 19.54 2.49
C CYS F 22 23.37 18.08 2.41
N ALA F 23 24.25 17.69 3.32
CA ALA F 23 24.66 16.30 3.46
C ALA F 23 23.88 15.64 4.59
N ALA F 24 23.48 14.38 4.38
CA ALA F 24 22.43 13.76 5.19
C ALA F 24 22.73 12.28 5.36
N SER F 25 23.27 11.90 6.52
CA SER F 25 23.63 10.50 6.73
C SER F 25 22.40 9.59 6.69
N GLU F 26 22.66 8.30 6.50
CA GLU F 26 21.63 7.26 6.32
C GLU F 26 20.66 7.54 5.18
N ILE F 27 19.86 8.60 5.30
CA ILE F 27 18.85 8.89 4.27
C ILE F 27 19.57 9.03 2.94
N THR F 28 19.41 8.03 2.07
CA THR F 28 19.99 8.14 0.73
C THR F 28 19.21 9.20 -0.03
N VAL F 29 19.76 10.43 -0.04
CA VAL F 29 19.07 11.55 -0.69
C VAL F 29 18.84 11.23 -2.16
N SER F 30 19.72 10.41 -2.74
CA SER F 30 19.66 10.07 -4.15
C SER F 30 18.42 9.27 -4.51
N SER F 31 17.70 8.74 -3.51
CA SER F 31 16.58 7.84 -3.73
C SER F 31 15.36 8.21 -2.90
N ASN F 32 15.25 9.48 -2.48
CA ASN F 32 14.15 9.96 -1.67
C ASN F 32 13.66 11.30 -2.23
N TYR F 33 12.44 11.68 -1.88
CA TYR F 33 11.91 12.99 -2.26
C TYR F 33 12.48 14.06 -1.32
N MET F 34 13.19 15.03 -1.89
CA MET F 34 13.82 16.09 -1.13
C MET F 34 13.35 17.45 -1.62
N ASN F 35 12.91 18.30 -0.70
CA ASN F 35 12.49 19.66 -1.03
C ASN F 35 13.23 20.65 -0.14
N TRP F 36 13.57 21.81 -0.72
CA TRP F 36 14.26 22.90 -0.04
C TRP F 36 13.24 23.91 0.45
N VAL F 37 13.44 24.44 1.65
CA VAL F 37 12.51 25.37 2.28
C VAL F 37 13.28 26.59 2.77
N ARG F 38 12.73 27.79 2.54
CA ARG F 38 13.34 29.04 2.97
C ARG F 38 12.39 29.79 3.89
N GLN F 39 12.94 30.38 4.95
CA GLN F 39 12.19 31.23 5.87
C GLN F 39 12.93 32.57 6.01
N ALA F 40 12.36 33.61 5.43
CA ALA F 40 12.91 34.94 5.59
C ALA F 40 12.65 35.45 7.01
N PRO F 41 13.53 36.29 7.54
CA PRO F 41 13.35 36.78 8.91
C PRO F 41 12.06 37.59 9.03
N GLY F 42 11.30 37.30 10.09
CA GLY F 42 10.01 37.95 10.26
C GLY F 42 8.97 37.54 9.24
N LYS F 43 9.20 36.46 8.50
CA LYS F 43 8.25 35.94 7.54
C LYS F 43 8.01 34.47 7.86
N GLY F 44 6.92 33.92 7.30
CA GLY F 44 6.62 32.52 7.47
C GLY F 44 7.51 31.65 6.61
N LEU F 45 7.26 30.34 6.68
CA LEU F 45 7.99 29.43 5.82
C LEU F 45 7.54 29.59 4.37
N GLU F 46 8.44 29.25 3.46
CA GLU F 46 8.17 29.26 2.02
C GLU F 46 8.90 28.07 1.39
N TRP F 47 8.37 27.63 0.25
CA TRP F 47 8.88 26.48 -0.47
C TRP F 47 9.76 26.95 -1.61
N VAL F 48 10.92 26.31 -1.77
CA VAL F 48 11.83 26.68 -2.84
C VAL F 48 11.62 25.76 -4.03
N SER F 49 11.83 24.45 -3.83
CA SER F 49 11.86 23.50 -4.93
C SER F 49 11.99 22.09 -4.39
N VAL F 50 11.85 21.10 -5.28
CA VAL F 50 11.86 19.69 -4.91
C VAL F 50 12.52 18.87 -6.02
N ILE F 51 13.27 17.85 -5.60
CA ILE F 51 13.87 16.85 -6.47
C ILE F 51 13.19 15.51 -6.20
N TYR F 52 12.54 14.94 -7.22
CA TYR F 52 12.01 13.59 -7.03
C TYR F 52 13.12 12.54 -7.06
N SER F 53 12.73 11.32 -6.69
CA SER F 53 13.66 10.21 -6.59
C SER F 53 14.41 9.93 -7.88
N GLY F 54 13.86 10.37 -9.02
CA GLY F 54 14.56 10.29 -10.29
C GLY F 54 14.79 11.67 -10.87
N GLY F 55 14.96 11.75 -12.18
CA GLY F 55 15.24 13.02 -12.82
C GLY F 55 14.02 13.89 -13.03
N THR F 56 13.42 14.36 -11.93
CA THR F 56 12.24 15.22 -11.98
C THR F 56 12.48 16.42 -11.07
N THR F 57 12.35 17.62 -11.62
CA THR F 57 12.67 18.86 -10.90
C THR F 57 11.52 19.84 -11.03
N TYR F 58 10.93 20.20 -9.89
CA TYR F 58 9.88 21.22 -9.82
C TYR F 58 10.38 22.38 -8.99
N TYR F 59 10.53 23.55 -9.61
CA TYR F 59 10.94 24.76 -8.92
C TYR F 59 9.76 25.72 -8.80
N ALA F 60 9.83 26.60 -7.81
CA ALA F 60 8.76 27.56 -7.59
C ALA F 60 8.91 28.76 -8.54
N ASP F 61 7.81 29.50 -8.70
CA ASP F 61 7.82 30.67 -9.58
C ASP F 61 8.84 31.70 -9.10
N SER F 62 8.91 31.91 -7.79
CA SER F 62 9.85 32.81 -7.13
C SER F 62 11.25 32.80 -7.75
N VAL F 63 11.76 31.62 -8.05
CA VAL F 63 13.15 31.45 -8.44
C VAL F 63 13.29 31.11 -9.93
N LYS F 64 12.53 30.12 -10.40
CA LYS F 64 12.72 29.42 -11.66
C LYS F 64 14.19 29.37 -12.08
N GLY F 65 14.56 30.18 -13.08
CA GLY F 65 15.90 30.13 -13.63
C GLY F 65 17.00 30.58 -12.69
N ARG F 66 16.65 31.33 -11.64
CA ARG F 66 17.66 31.81 -10.71
C ARG F 66 18.30 30.66 -9.93
N PHE F 67 17.52 29.65 -9.57
CA PHE F 67 17.96 28.57 -8.71
C PHE F 67 17.88 27.23 -9.46
N THR F 68 18.66 26.25 -9.01
CA THR F 68 18.66 24.92 -9.62
C THR F 68 19.08 23.87 -8.59
N ILE F 69 18.24 22.83 -8.42
CA ILE F 69 18.57 21.72 -7.54
C ILE F 69 19.52 20.76 -8.25
N SER F 70 20.43 20.16 -7.50
CA SER F 70 21.30 19.12 -8.03
C SER F 70 21.76 18.22 -6.89
N ARG F 71 22.21 17.02 -7.25
CA ARG F 71 22.61 16.02 -6.26
C ARG F 71 23.66 15.07 -6.80
N ASP F 72 24.60 14.71 -5.92
CA ASP F 72 25.74 13.84 -6.21
C ASP F 72 25.62 12.51 -5.48
N ASN F 73 25.62 11.37 -6.27
CA ASN F 73 25.18 10.23 -5.43
C ASN F 73 26.33 9.82 -4.59
N SER F 74 27.53 10.22 -5.07
CA SER F 74 28.87 9.82 -4.60
C SER F 74 28.99 10.27 -3.18
N GLU F 75 28.30 11.37 -2.83
CA GLU F 75 28.26 11.86 -1.46
C GLU F 75 26.83 12.33 -1.21
N ASN F 76 26.09 11.58 -0.41
CA ASN F 76 24.70 11.90 -0.05
C ASN F 76 24.50 13.39 0.28
N THR F 77 24.57 14.24 -0.74
CA THR F 77 24.60 15.68 -0.52
C THR F 77 23.77 16.37 -1.61
N LEU F 78 22.54 16.76 -1.27
CA LEU F 78 21.76 17.59 -2.18
C LEU F 78 22.24 19.04 -2.17
N TYR F 79 22.06 19.70 -3.31
CA TYR F 79 22.61 21.02 -3.56
C TYR F 79 21.50 21.93 -4.10
N LEU F 80 21.63 23.23 -3.83
CA LEU F 80 20.77 24.24 -4.43
C LEU F 80 21.68 25.34 -4.98
N GLN F 81 21.94 25.31 -6.28
CA GLN F 81 22.86 26.26 -6.90
C GLN F 81 22.15 27.59 -7.09
N MET F 82 22.40 28.51 -6.17
CA MET F 82 21.77 29.82 -6.16
C MET F 82 22.52 30.72 -7.12
N ASN F 83 21.82 31.23 -8.14
CA ASN F 83 22.45 32.11 -9.11
C ASN F 83 21.62 33.36 -9.27
N SER F 84 22.30 34.46 -9.60
CA SER F 84 21.65 35.76 -9.79
C SER F 84 20.80 36.12 -8.56
N LEU F 85 21.39 35.96 -7.38
CA LEU F 85 20.64 36.12 -6.15
C LEU F 85 20.11 37.55 -6.03
N ARG F 86 19.14 37.69 -5.14
CA ARG F 86 18.54 38.98 -4.86
C ARG F 86 18.33 39.07 -3.36
N ALA F 87 18.20 40.30 -2.85
CA ALA F 87 18.11 40.47 -1.40
C ALA F 87 16.80 39.94 -0.84
N GLU F 88 15.75 39.87 -1.68
CA GLU F 88 14.55 39.13 -1.34
C GLU F 88 14.88 37.77 -0.74
N ASP F 89 15.87 37.09 -1.32
CA ASP F 89 16.23 35.73 -0.95
C ASP F 89 16.84 35.64 0.44
N THR F 90 17.11 36.77 1.10
CA THR F 90 17.73 36.73 2.42
C THR F 90 16.84 35.95 3.37
N ALA F 91 17.28 34.75 3.72
CA ALA F 91 16.46 33.83 4.50
C ALA F 91 17.35 32.75 5.09
N VAL F 92 16.71 31.79 5.76
CA VAL F 92 17.35 30.58 6.24
C VAL F 92 16.89 29.46 5.33
N TYR F 93 17.80 28.58 4.92
CA TYR F 93 17.48 27.56 3.92
C TYR F 93 17.61 26.18 4.52
N TYR F 94 16.47 25.46 4.57
CA TYR F 94 16.38 24.12 5.13
C TYR F 94 16.30 23.09 4.00
N CYS F 95 16.82 21.89 4.27
CA CYS F 95 16.68 20.73 3.39
C CYS F 95 15.81 19.68 4.07
N ALA F 96 15.06 18.92 3.27
CA ALA F 96 13.93 18.17 3.81
C ALA F 96 13.64 16.90 3.00
N ARG F 97 13.50 15.77 3.68
CA ARG F 97 13.03 14.52 3.08
C ARG F 97 11.52 14.43 3.25
N ASP F 98 10.79 15.20 2.44
CA ASP F 98 9.34 15.21 2.57
C ASP F 98 8.71 14.25 1.57
N LEU F 99 8.85 12.95 1.85
CA LEU F 99 8.05 11.97 1.13
C LEU F 99 6.57 12.22 1.43
N MET F 100 5.74 11.99 0.41
CA MET F 100 4.34 12.39 0.49
C MET F 100 3.64 11.71 1.65
N GLU F 101 3.82 10.39 1.76
CA GLU F 101 3.21 9.58 2.80
C GLU F 101 3.68 9.97 4.21
N VAL F 102 4.78 10.73 4.33
CA VAL F 102 5.24 11.18 5.64
C VAL F 102 5.53 12.68 5.59
N GLY F 103 6.66 13.05 4.97
CA GLY F 103 7.08 14.43 4.92
C GLY F 103 7.97 14.90 6.05
N GLY F 104 8.82 14.03 6.58
CA GLY F 104 9.58 14.33 7.78
C GLY F 104 11.09 14.26 7.53
N MET F 105 11.83 15.00 8.38
CA MET F 105 13.28 15.14 8.48
C MET F 105 13.73 16.49 7.91
N ASP F 106 13.55 17.55 8.69
CA ASP F 106 14.08 18.86 8.36
C ASP F 106 15.35 19.09 9.15
N VAL F 107 15.99 20.25 8.96
CA VAL F 107 17.26 20.45 9.64
C VAL F 107 17.13 21.78 10.38
N TRP F 108 18.23 22.54 10.43
CA TRP F 108 18.36 23.84 11.08
C TRP F 108 18.82 24.98 10.17
N GLY F 109 19.35 24.70 8.99
CA GLY F 109 19.49 25.74 7.99
C GLY F 109 20.72 26.63 8.12
N GLN F 110 21.28 27.01 6.97
CA GLN F 110 22.43 27.91 6.91
C GLN F 110 21.93 29.28 6.47
N GLY F 111 21.98 30.25 7.39
CA GLY F 111 21.49 31.59 7.11
C GLY F 111 22.18 32.26 5.95
N THR F 112 21.41 32.69 4.95
CA THR F 112 21.93 33.41 3.80
C THR F 112 21.44 34.85 3.87
N THR F 113 22.37 35.80 3.90
CA THR F 113 22.07 37.22 3.92
C THR F 113 22.65 37.85 2.66
N VAL F 114 21.79 38.46 1.85
CA VAL F 114 22.14 38.93 0.53
C VAL F 114 22.09 40.46 0.55
N THR F 115 23.25 41.10 0.52
CA THR F 115 23.32 42.56 0.54
C THR F 115 24.73 43.00 0.18
N VAL F 116 24.90 44.32 0.04
CA VAL F 116 26.20 44.92 -0.23
C VAL F 116 26.90 45.21 1.10
N THR F 121 30.22 47.77 5.35
CA THR F 121 30.28 48.23 6.72
C THR F 121 29.94 49.72 6.78
N LYS F 122 29.01 50.11 7.65
CA LYS F 122 28.65 51.51 7.76
C LYS F 122 28.40 51.84 9.23
N GLY F 123 28.21 53.12 9.51
CA GLY F 123 27.95 53.58 10.85
C GLY F 123 26.55 54.12 11.04
N PRO F 124 26.00 53.94 12.24
CA PRO F 124 24.65 54.44 12.53
C PRO F 124 24.54 55.94 12.32
N SER F 125 23.45 56.35 11.68
CA SER F 125 23.08 57.76 11.56
C SER F 125 22.02 58.03 12.61
N VAL F 126 22.47 58.35 13.83
CA VAL F 126 21.56 58.47 14.95
C VAL F 126 20.70 59.72 14.81
N PHE F 127 19.40 59.55 15.03
CA PHE F 127 18.41 60.61 15.01
C PHE F 127 17.52 60.42 16.22
N PRO F 128 16.94 61.50 16.75
CA PRO F 128 16.14 61.35 17.97
C PRO F 128 14.65 61.19 17.73
N LEU F 129 14.02 60.28 18.47
CA LEU F 129 12.56 60.16 18.49
C LEU F 129 12.04 61.13 19.53
N ALA F 130 11.58 62.30 19.07
CA ALA F 130 11.22 63.38 19.98
C ALA F 130 10.00 63.03 20.81
N PRO F 131 9.95 63.47 22.06
CA PRO F 131 8.72 63.34 22.85
C PRO F 131 7.59 64.10 22.18
N SER F 132 6.37 63.79 22.61
CA SER F 132 5.18 64.39 22.03
C SER F 132 4.53 65.34 23.03
N SER F 133 4.09 66.49 22.54
CA SER F 133 3.43 67.51 23.34
C SER F 133 2.19 66.97 24.03
N LYS F 134 2.21 66.91 25.36
CA LYS F 134 1.04 66.50 26.12
C LYS F 134 0.95 67.29 27.42
N GLY F 139 0.08 60.61 32.00
CA GLY F 139 1.08 61.55 32.49
C GLY F 139 2.50 61.08 32.21
N THR F 140 2.63 60.07 31.37
CA THR F 140 3.91 59.50 30.98
C THR F 140 4.00 59.46 29.46
N ALA F 141 5.11 59.94 28.92
CA ALA F 141 5.32 59.98 27.47
C ALA F 141 6.55 59.15 27.11
N ALA F 142 6.78 59.00 25.80
CA ALA F 142 7.83 58.14 25.30
C ALA F 142 8.76 58.93 24.39
N LEU F 143 10.06 58.65 24.52
CA LEU F 143 11.09 59.36 23.80
C LEU F 143 12.22 58.37 23.51
N GLY F 144 12.80 58.48 22.33
CA GLY F 144 13.75 57.48 21.89
C GLY F 144 14.73 58.00 20.87
N CYS F 145 15.33 57.05 20.14
CA CYS F 145 16.44 57.38 19.26
C CYS F 145 16.51 56.33 18.15
N LEU F 146 16.39 56.78 16.90
CA LEU F 146 16.32 55.89 15.73
C LEU F 146 17.73 55.67 15.19
N VAL F 147 18.36 54.59 15.63
CA VAL F 147 19.60 54.14 15.00
C VAL F 147 19.28 53.70 13.58
N LYS F 148 19.92 54.33 12.59
CA LYS F 148 19.49 54.19 11.22
C LYS F 148 20.67 53.86 10.31
N ASP F 149 20.43 52.96 9.35
CA ASP F 149 21.41 52.50 8.37
C ASP F 149 22.74 52.11 8.99
N TYR F 150 22.82 50.90 9.53
CA TYR F 150 24.02 50.37 10.15
C TYR F 150 24.31 48.96 9.65
N PHE F 151 25.57 48.55 9.77
CA PHE F 151 26.06 47.27 9.26
C PHE F 151 27.51 47.04 9.70
N PRO F 152 27.88 45.82 10.13
CA PRO F 152 27.05 44.65 10.43
C PRO F 152 26.51 44.72 11.85
N GLU F 153 25.55 43.86 12.19
CA GLU F 153 24.97 43.93 13.53
C GLU F 153 25.97 43.30 14.51
N PRO F 154 25.96 43.69 15.80
CA PRO F 154 25.06 44.38 16.74
C PRO F 154 25.22 45.88 16.90
N VAL F 155 24.36 46.44 17.74
CA VAL F 155 24.44 47.81 18.21
C VAL F 155 24.08 47.82 19.69
N THR F 156 24.72 48.72 20.43
CA THR F 156 24.53 48.83 21.86
C THR F 156 23.85 50.16 22.16
N VAL F 157 22.56 50.09 22.50
CA VAL F 157 21.81 51.26 22.93
C VAL F 157 21.62 51.16 24.43
N SER F 158 22.29 52.04 25.17
CA SER F 158 22.00 52.28 26.58
C SER F 158 21.46 53.69 26.74
N TRP F 159 20.94 53.97 27.93
CA TRP F 159 20.30 55.25 28.17
C TRP F 159 20.92 55.91 29.40
N ASN F 160 21.28 57.19 29.24
CA ASN F 160 21.91 58.00 30.29
C ASN F 160 23.15 57.31 30.85
N SER F 161 24.01 56.84 29.94
CA SER F 161 25.22 56.09 30.28
C SER F 161 24.93 55.05 31.36
N GLY F 162 23.97 54.19 31.06
CA GLY F 162 23.58 53.13 31.97
C GLY F 162 22.62 53.52 33.06
N ALA F 163 22.34 54.80 33.24
CA ALA F 163 21.45 55.23 34.33
C ALA F 163 20.03 54.72 34.13
N LEU F 164 19.33 55.19 33.09
CA LEU F 164 17.96 54.72 32.86
C LEU F 164 17.94 53.27 32.43
N THR F 165 17.12 52.48 33.13
CA THR F 165 16.92 51.07 32.79
C THR F 165 15.43 50.79 32.68
N SER F 166 14.65 51.26 33.65
CA SER F 166 13.22 51.01 33.66
C SER F 166 12.55 51.69 32.48
N GLY F 167 11.71 50.93 31.76
CA GLY F 167 11.02 51.43 30.59
C GLY F 167 11.77 51.28 29.28
N VAL F 168 13.09 51.09 29.34
CA VAL F 168 13.87 50.97 28.12
C VAL F 168 13.62 49.62 27.47
N HIS F 169 13.33 49.63 26.17
CA HIS F 169 13.30 48.41 25.37
C HIS F 169 13.92 48.69 24.02
N THR F 170 14.70 47.74 23.52
CA THR F 170 15.46 47.88 22.28
C THR F 170 14.84 46.97 21.24
N PHE F 171 13.93 47.52 20.45
CA PHE F 171 13.38 46.78 19.34
C PHE F 171 14.51 46.43 18.37
N PRO F 172 14.60 45.18 17.91
CA PRO F 172 15.83 44.72 17.23
C PRO F 172 15.93 45.05 15.74
N ALA F 173 16.71 44.22 15.05
CA ALA F 173 17.18 44.53 13.71
C ALA F 173 16.07 44.45 12.68
N VAL F 174 16.04 45.42 11.78
CA VAL F 174 15.09 45.47 10.68
C VAL F 174 15.91 45.72 9.42
N LEU F 175 16.25 44.66 8.68
CA LEU F 175 16.92 44.82 7.40
C LEU F 175 16.03 45.59 6.44
N GLN F 176 16.64 46.45 5.64
CA GLN F 176 15.92 47.33 4.73
C GLN F 176 16.28 47.01 3.29
N SER F 177 15.56 47.65 2.37
CA SER F 177 15.88 47.53 0.96
C SER F 177 17.24 48.13 0.64
N SER F 178 17.64 49.16 1.40
CA SER F 178 18.97 49.72 1.27
C SER F 178 20.08 48.70 1.51
N GLY F 179 19.73 47.51 2.02
CA GLY F 179 20.73 46.52 2.36
C GLY F 179 21.39 46.76 3.69
N LEU F 180 20.79 47.58 4.54
CA LEU F 180 21.40 48.04 5.78
C LEU F 180 20.38 47.91 6.89
N TYR F 181 20.84 47.54 8.09
CA TYR F 181 19.92 47.40 9.20
C TYR F 181 19.44 48.77 9.69
N SER F 182 18.50 48.74 10.62
CA SER F 182 18.02 49.91 11.33
C SER F 182 17.45 49.43 12.65
N LEU F 183 17.22 50.36 13.57
CA LEU F 183 16.83 49.96 14.91
C LEU F 183 16.33 51.20 15.67
N SER F 184 15.83 50.96 16.87
CA SER F 184 15.06 51.96 17.62
C SER F 184 14.91 51.51 19.06
N SER F 185 14.74 52.49 19.95
CA SER F 185 14.58 52.23 21.37
C SER F 185 13.78 53.38 21.98
N VAL F 186 13.04 53.10 23.04
CA VAL F 186 12.27 54.10 23.77
C VAL F 186 12.26 53.79 25.26
N VAL F 187 11.78 54.76 26.04
CA VAL F 187 11.60 54.62 27.47
C VAL F 187 10.42 55.49 27.89
N THR F 188 9.56 54.91 28.74
CA THR F 188 8.42 55.64 29.29
C THR F 188 8.91 56.52 30.41
N VAL F 189 8.99 57.84 30.17
CA VAL F 189 9.47 58.74 31.20
C VAL F 189 8.29 59.55 31.74
N PRO F 190 8.37 60.04 32.98
CA PRO F 190 7.34 60.97 33.46
C PRO F 190 7.40 62.29 32.73
N SER F 191 6.25 62.74 32.24
CA SER F 191 6.18 64.01 31.52
C SER F 191 6.48 65.19 32.44
N SER F 192 6.20 65.04 33.73
CA SER F 192 6.33 66.14 34.67
C SER F 192 7.74 66.71 34.70
N SER F 193 8.75 65.84 34.59
CA SER F 193 10.15 66.25 34.66
C SER F 193 10.81 66.30 33.28
N LEU F 194 10.02 66.45 32.21
CA LEU F 194 10.59 66.23 30.90
C LEU F 194 11.53 67.37 30.50
N GLY F 195 11.37 68.54 31.11
CA GLY F 195 12.30 69.63 30.94
C GLY F 195 13.53 69.54 31.82
N THR F 196 13.34 69.31 33.12
CA THR F 196 14.47 69.24 34.05
C THR F 196 15.38 68.08 33.72
N GLN F 197 14.89 66.87 34.01
CA GLN F 197 15.67 65.67 33.79
C GLN F 197 16.05 65.52 32.33
N THR F 198 17.34 65.32 32.10
CA THR F 198 17.92 65.06 30.80
C THR F 198 17.94 63.57 30.49
N TYR F 199 17.78 63.27 29.20
CA TYR F 199 17.75 61.90 28.70
C TYR F 199 18.64 61.84 27.47
N ILE F 200 19.64 60.98 27.49
CA ILE F 200 20.58 60.87 26.38
C ILE F 200 20.63 59.43 25.89
N CYS F 201 20.62 59.26 24.56
CA CYS F 201 20.71 57.95 23.93
C CYS F 201 22.17 57.61 23.64
N ASN F 202 22.70 56.59 24.33
CA ASN F 202 24.06 56.13 24.14
C ASN F 202 24.08 54.99 23.13
N VAL F 203 24.78 55.18 22.02
CA VAL F 203 24.86 54.21 20.94
C VAL F 203 26.32 53.96 20.60
N ASN F 204 26.72 52.69 20.54
CA ASN F 204 28.06 52.32 20.11
C ASN F 204 27.99 51.14 19.14
N HIS F 205 28.62 51.32 17.99
CA HIS F 205 28.68 50.30 16.94
C HIS F 205 30.13 49.87 16.81
N LYS F 206 30.47 48.75 17.45
CA LYS F 206 31.85 48.25 17.46
C LYS F 206 32.47 48.09 16.07
N PRO F 207 31.80 47.50 15.06
CA PRO F 207 32.47 47.36 13.75
C PRO F 207 33.05 48.66 13.22
N SER F 208 32.39 49.78 13.51
CA SER F 208 32.80 51.07 12.99
C SER F 208 33.46 51.96 14.03
N ASN F 209 33.58 51.52 15.29
CA ASN F 209 33.74 52.40 16.44
C ASN F 209 33.13 53.78 16.21
N THR F 210 31.92 53.80 15.65
CA THR F 210 31.07 54.98 15.73
C THR F 210 30.39 54.92 17.08
N LYS F 211 30.92 55.69 18.03
CA LYS F 211 30.22 55.99 19.27
C LYS F 211 29.49 57.30 19.10
N VAL F 212 28.17 57.27 19.26
CA VAL F 212 27.36 58.47 19.18
C VAL F 212 26.40 58.48 20.36
N ASP F 213 26.42 59.56 21.13
CA ASP F 213 25.47 59.79 22.19
C ASP F 213 24.61 61.00 21.81
N LYS F 214 23.32 60.77 21.62
CA LYS F 214 22.43 61.78 21.08
C LYS F 214 21.44 62.18 22.16
N LYS F 215 21.40 63.47 22.49
CA LYS F 215 20.37 63.98 23.37
C LYS F 215 19.02 63.89 22.69
N VAL F 216 17.98 63.55 23.46
CA VAL F 216 16.64 63.59 22.88
C VAL F 216 16.14 65.04 22.86
N GLU F 217 15.62 65.55 23.98
CA GLU F 217 14.91 66.81 24.13
C GLU F 217 13.78 67.03 23.11
N PRO F 218 12.67 67.63 23.56
CA PRO F 218 11.55 68.09 22.73
C PRO F 218 12.00 69.03 21.61
#